data_1QK3
#
_entry.id   1QK3
#
_cell.length_a   65.453
_cell.length_b   90.842
_cell.length_c   80.256
_cell.angle_alpha   90.00
_cell.angle_beta   92.53
_cell.angle_gamma   90.00
#
_symmetry.space_group_name_H-M   'P 1 21 1'
#
loop_
_entity.id
_entity.type
_entity.pdbx_description
1 polymer 'HYPOXANTHINE-GUANINE PHOSPHORIBOSYLTRANSFERASE'
2 non-polymer "GUANOSINE-5'-MONOPHOSPHATE"
3 water water
#
_entity_poly.entity_id   1
_entity_poly.type   'polypeptide(L)'
_entity_poly.pdbx_seq_one_letter_code
;GSHMASKPIEDYGKGKGRIEPMYIPDNTFYNADDFLVPPHCKPYIDKILLPGGLVKDRVEKLAYDIHRTYFGEELHIICI
LKGSRGFFNLLIDYLATIQKYSGRESSVPPFFEHYVRLKSYQNDNSTGQLTVLSDDLSIFRDKHVLIVEDIVDTGFTLTE
FGERLKAVGPKSMRIATLVEKRTDRSNSLKGDFVGFSIEDVWIVGCCYDFNEMFRDFDHVAVLSDAARKKFEK
;
_entity_poly.pdbx_strand_id   A,B,C,D
#
loop_
_chem_comp.id
_chem_comp.type
_chem_comp.name
_chem_comp.formula
5GP non-polymer GUANOSINE-5'-MONOPHOSPHATE 'C10 H14 N5 O8 P'
#
# COMPACT_ATOMS: atom_id res chain seq x y z
N MET A 4 -7.15 29.08 -5.58
CA MET A 4 -8.47 29.42 -5.06
C MET A 4 -9.56 28.75 -5.89
N ALA A 5 -10.63 28.36 -5.19
CA ALA A 5 -11.72 27.57 -5.75
C ALA A 5 -12.61 28.30 -6.75
N SER A 6 -12.72 29.63 -6.64
CA SER A 6 -13.56 30.38 -7.57
C SER A 6 -13.15 30.22 -9.03
N LYS A 7 -14.14 30.13 -9.92
CA LYS A 7 -13.92 30.06 -11.36
C LYS A 7 -15.22 30.30 -12.11
N PRO A 8 -15.25 31.22 -13.08
CA PRO A 8 -16.46 31.47 -13.85
C PRO A 8 -16.97 30.20 -14.52
N ILE A 9 -18.26 29.92 -14.45
CA ILE A 9 -18.90 28.80 -15.11
C ILE A 9 -18.63 28.74 -16.61
N GLU A 10 -18.59 29.88 -17.32
CA GLU A 10 -18.29 29.86 -18.75
C GLU A 10 -16.87 29.40 -19.10
N ASP A 11 -15.96 29.25 -18.14
CA ASP A 11 -14.62 28.77 -18.36
C ASP A 11 -14.56 27.22 -18.29
N TYR A 12 -15.71 26.62 -18.01
CA TYR A 12 -15.77 25.15 -18.05
C TYR A 12 -15.32 24.60 -19.37
N GLY A 13 -14.36 23.66 -19.34
CA GLY A 13 -13.88 23.04 -20.57
C GLY A 13 -12.76 23.79 -21.27
N LYS A 14 -12.40 24.98 -20.76
CA LYS A 14 -11.31 25.71 -21.43
C LYS A 14 -9.93 25.38 -20.91
N GLY A 15 -9.85 24.80 -19.70
CA GLY A 15 -8.54 24.50 -19.11
C GLY A 15 -7.77 25.78 -18.78
N LYS A 16 -8.50 26.84 -18.45
CA LYS A 16 -7.88 28.14 -18.23
C LYS A 16 -7.09 28.21 -16.93
N GLY A 17 -5.83 28.60 -17.03
CA GLY A 17 -4.97 28.77 -15.85
C GLY A 17 -4.48 27.44 -15.27
N ARG A 18 -4.60 26.39 -16.10
CA ARG A 18 -4.18 25.08 -15.59
C ARG A 18 -2.67 24.86 -15.53
N ILE A 19 -2.26 23.86 -14.77
CA ILE A 19 -0.86 23.38 -14.81
C ILE A 19 -0.87 22.37 -15.95
N GLU A 20 -0.09 22.59 -17.03
CA GLU A 20 -0.13 21.65 -18.15
C GLU A 20 0.22 20.22 -17.67
N PRO A 21 -0.29 19.24 -18.38
CA PRO A 21 -0.02 17.83 -18.11
C PRO A 21 1.38 17.40 -18.52
N MET A 22 1.80 16.22 -18.02
CA MET A 22 3.08 15.68 -18.49
C MET A 22 2.97 15.39 -19.98
N TYR A 23 3.94 15.88 -20.79
CA TYR A 23 3.83 15.62 -22.23
C TYR A 23 4.53 14.38 -22.73
N ILE A 24 3.81 13.49 -23.38
CA ILE A 24 4.40 12.24 -23.91
C ILE A 24 4.52 12.43 -25.42
N PRO A 25 5.73 12.59 -25.96
CA PRO A 25 5.91 12.86 -27.38
C PRO A 25 5.43 11.74 -28.28
N ASP A 26 5.13 12.07 -29.54
CA ASP A 26 4.69 11.08 -30.51
C ASP A 26 5.70 9.93 -30.63
N ASN A 27 5.19 8.75 -30.88
CA ASN A 27 5.90 7.51 -31.10
C ASN A 27 7.00 7.31 -30.07
N THR A 28 6.67 7.47 -28.79
CA THR A 28 7.62 7.31 -27.69
C THR A 28 7.14 6.24 -26.73
N PHE A 29 7.91 5.16 -26.54
CA PHE A 29 7.50 3.98 -25.78
C PHE A 29 8.61 3.36 -24.91
N TYR A 30 8.18 2.41 -24.06
CA TYR A 30 9.09 1.70 -23.17
C TYR A 30 9.06 0.22 -23.58
N ASN A 31 10.12 -0.56 -23.35
CA ASN A 31 10.11 -1.98 -23.71
C ASN A 31 9.29 -2.80 -22.75
N ALA A 32 8.33 -3.60 -23.27
CA ALA A 32 7.47 -4.40 -22.41
C ALA A 32 8.21 -5.48 -21.62
N ASP A 33 9.36 -5.95 -22.14
CA ASP A 33 10.16 -6.92 -21.41
C ASP A 33 10.73 -6.38 -20.10
N ASP A 34 10.77 -5.07 -19.91
CA ASP A 34 11.33 -4.47 -18.70
C ASP A 34 10.33 -4.45 -17.52
N PHE A 35 9.07 -4.82 -17.80
CA PHE A 35 8.00 -4.80 -16.80
C PHE A 35 7.25 -6.10 -16.62
N LEU A 36 6.52 -6.23 -15.51
CA LEU A 36 5.69 -7.40 -15.20
C LEU A 36 4.41 -7.30 -15.98
N VAL A 37 4.15 -8.21 -16.91
CA VAL A 37 2.96 -8.24 -17.77
C VAL A 37 2.26 -9.59 -17.68
N PRO A 38 0.94 -9.69 -17.64
CA PRO A 38 0.26 -10.99 -17.55
C PRO A 38 0.63 -11.86 -18.74
N PRO A 39 0.95 -13.15 -18.52
CA PRO A 39 1.36 -14.03 -19.60
C PRO A 39 0.34 -14.14 -20.72
N HIS A 40 -0.97 -14.13 -20.40
CA HIS A 40 -1.98 -14.16 -21.44
C HIS A 40 -2.04 -12.90 -22.31
N CYS A 41 -1.50 -11.77 -21.87
CA CYS A 41 -1.47 -10.54 -22.62
C CYS A 41 -0.17 -10.38 -23.41
N LYS A 42 0.83 -11.20 -23.09
CA LYS A 42 2.14 -11.06 -23.73
C LYS A 42 2.11 -11.09 -25.24
N PRO A 43 1.32 -11.89 -25.93
CA PRO A 43 1.21 -11.89 -27.37
C PRO A 43 0.58 -10.64 -27.98
N TYR A 44 -0.10 -9.80 -27.21
CA TYR A 44 -0.79 -8.60 -27.68
C TYR A 44 -0.09 -7.32 -27.22
N ILE A 45 1.05 -7.37 -26.55
CA ILE A 45 1.77 -6.23 -25.99
C ILE A 45 3.28 -6.27 -26.21
N ASP A 46 3.86 -5.47 -27.09
CA ASP A 46 5.33 -5.48 -27.24
C ASP A 46 5.92 -4.18 -26.70
N LYS A 47 5.09 -3.12 -26.71
CA LYS A 47 5.57 -1.84 -26.19
C LYS A 47 4.56 -1.30 -25.17
N ILE A 48 5.11 -0.57 -24.22
CA ILE A 48 4.31 0.05 -23.14
C ILE A 48 4.40 1.58 -23.31
N LEU A 49 3.21 2.22 -23.18
CA LEU A 49 3.14 3.68 -23.28
C LEU A 49 3.43 4.33 -21.94
N LEU A 50 2.65 3.95 -20.91
CA LEU A 50 2.79 4.53 -19.57
C LEU A 50 2.97 3.43 -18.52
N PRO A 51 4.15 3.27 -17.93
CA PRO A 51 4.26 2.29 -16.84
C PRO A 51 3.28 2.62 -15.72
N GLY A 52 2.71 1.64 -15.02
CA GLY A 52 1.78 1.88 -13.91
C GLY A 52 2.37 2.71 -12.77
N GLY A 53 3.72 2.62 -12.56
CA GLY A 53 4.29 3.44 -11.48
C GLY A 53 4.37 4.91 -11.87
N LEU A 54 4.54 5.17 -13.16
CA LEU A 54 4.50 6.54 -13.69
C LEU A 54 3.08 7.10 -13.61
N VAL A 55 2.09 6.24 -13.88
CA VAL A 55 0.69 6.65 -13.64
C VAL A 55 0.48 7.08 -12.21
N LYS A 56 0.90 6.26 -11.21
CA LYS A 56 0.78 6.56 -9.80
C LYS A 56 1.51 7.83 -9.38
N ASP A 57 2.73 8.10 -9.87
CA ASP A 57 3.41 9.35 -9.55
C ASP A 57 2.65 10.60 -10.07
N ARG A 58 2.09 10.48 -11.27
CA ARG A 58 1.32 11.64 -11.79
C ARG A 58 -0.01 11.81 -11.05
N VAL A 59 -0.65 10.71 -10.64
CA VAL A 59 -1.88 10.84 -9.84
C VAL A 59 -1.65 11.48 -8.48
N GLU A 60 -0.51 11.17 -7.83
CA GLU A 60 -0.12 11.80 -6.57
C GLU A 60 0.05 13.32 -6.70
N LYS A 61 0.69 13.71 -7.80
CA LYS A 61 0.90 15.15 -8.11
C LYS A 61 -0.45 15.83 -8.39
N LEU A 62 -1.31 15.24 -9.20
CA LEU A 62 -2.62 15.81 -9.45
C LEU A 62 -3.40 16.01 -8.17
N ALA A 63 -3.37 14.99 -7.27
CA ALA A 63 -4.10 15.08 -6.00
C ALA A 63 -3.65 16.29 -5.19
N TYR A 64 -2.34 16.48 -5.15
CA TYR A 64 -1.74 17.65 -4.50
C TYR A 64 -2.21 18.95 -5.13
N ASP A 65 -2.19 19.05 -6.46
CA ASP A 65 -2.68 20.21 -7.20
C ASP A 65 -4.14 20.53 -6.85
N ILE A 66 -4.96 19.49 -6.77
CA ILE A 66 -6.39 19.66 -6.43
C ILE A 66 -6.58 20.15 -5.01
N HIS A 67 -5.78 19.61 -4.10
CA HIS A 67 -5.84 20.00 -2.70
C HIS A 67 -5.47 21.49 -2.52
N ARG A 68 -4.54 22.01 -3.29
CA ARG A 68 -4.14 23.41 -3.24
C ARG A 68 -5.29 24.30 -3.73
N THR A 69 -5.91 23.90 -4.83
CA THR A 69 -7.02 24.66 -5.39
C THR A 69 -8.18 24.79 -4.42
N TYR A 70 -8.56 23.71 -3.72
CA TYR A 70 -9.76 23.73 -2.89
C TYR A 70 -9.52 23.79 -1.39
N PHE A 71 -8.26 24.08 -1.00
CA PHE A 71 -7.96 24.09 0.43
C PHE A 71 -8.92 24.97 1.24
N GLY A 72 -9.52 24.41 2.27
CA GLY A 72 -10.44 25.13 3.14
C GLY A 72 -11.86 25.24 2.65
N GLU A 73 -12.14 24.79 1.44
CA GLU A 73 -13.44 24.84 0.83
C GLU A 73 -14.20 23.51 0.88
N GLU A 74 -15.53 23.64 0.82
CA GLU A 74 -16.37 22.44 0.73
C GLU A 74 -16.32 21.92 -0.70
N LEU A 75 -15.85 20.66 -0.91
CA LEU A 75 -15.70 20.12 -2.23
C LEU A 75 -16.60 18.91 -2.51
N HIS A 76 -17.20 18.91 -3.70
CA HIS A 76 -18.06 17.79 -4.14
C HIS A 76 -17.44 17.21 -5.38
N ILE A 77 -16.98 15.95 -5.26
CA ILE A 77 -16.37 15.24 -6.37
C ILE A 77 -17.30 14.25 -7.03
N ILE A 78 -17.51 14.43 -8.34
CA ILE A 78 -18.41 13.62 -9.15
C ILE A 78 -17.63 12.54 -9.87
N CYS A 79 -17.99 11.28 -9.60
CA CYS A 79 -17.44 10.15 -10.32
C CYS A 79 -18.48 9.73 -11.35
N ILE A 80 -18.18 10.01 -12.62
CA ILE A 80 -18.96 9.44 -13.72
C ILE A 80 -18.74 7.92 -13.58
N LEU A 81 -19.80 7.19 -13.26
CA LEU A 81 -19.71 5.78 -12.85
C LEU A 81 -18.72 4.87 -13.55
N LYS A 82 -17.83 4.32 -12.70
CA LYS A 82 -16.85 3.33 -13.21
C LYS A 82 -16.65 2.22 -12.16
N GLY A 83 -15.93 1.16 -12.55
CA GLY A 83 -15.69 0.07 -11.57
C GLY A 83 -14.40 0.24 -10.78
N SER A 84 -13.97 -0.87 -10.16
CA SER A 84 -12.81 -0.89 -9.30
C SER A 84 -11.51 -0.36 -9.89
N ARG A 85 -11.34 -0.49 -11.23
CA ARG A 85 -10.06 0.02 -11.78
C ARG A 85 -10.14 1.46 -12.27
N GLY A 86 -11.27 2.12 -11.99
CA GLY A 86 -11.35 3.52 -12.51
C GLY A 86 -10.27 4.46 -11.99
N PHE A 87 -9.97 5.52 -12.75
CA PHE A 87 -9.05 6.59 -12.29
C PHE A 87 -9.55 7.24 -11.02
N PHE A 88 -10.85 7.44 -10.84
CA PHE A 88 -11.40 8.09 -9.65
C PHE A 88 -10.99 7.38 -8.37
N ASN A 89 -10.99 6.02 -8.37
CA ASN A 89 -10.59 5.34 -7.14
C ASN A 89 -9.16 5.70 -6.71
N LEU A 90 -8.21 5.70 -7.67
CA LEU A 90 -6.84 6.02 -7.34
C LEU A 90 -6.69 7.49 -6.94
N LEU A 91 -7.40 8.38 -7.66
CA LEU A 91 -7.33 9.78 -7.26
C LEU A 91 -7.84 9.99 -5.84
N ILE A 92 -9.01 9.38 -5.50
CA ILE A 92 -9.57 9.51 -4.15
C ILE A 92 -8.67 8.91 -3.06
N ASP A 93 -8.00 7.80 -3.39
CA ASP A 93 -7.06 7.23 -2.39
C ASP A 93 -6.01 8.26 -1.97
N TYR A 94 -5.40 8.94 -2.95
CA TYR A 94 -4.41 9.99 -2.58
C TYR A 94 -5.03 11.23 -1.94
N LEU A 95 -6.18 11.71 -2.43
CA LEU A 95 -6.85 12.84 -1.76
C LEU A 95 -7.22 12.56 -0.31
N ALA A 96 -7.64 11.31 0.01
CA ALA A 96 -7.98 10.88 1.35
C ALA A 96 -6.73 10.92 2.25
N THR A 97 -5.61 10.46 1.70
CA THR A 97 -4.38 10.53 2.54
C THR A 97 -3.96 11.96 2.87
N ILE A 98 -4.01 12.84 1.87
CA ILE A 98 -3.64 14.25 2.15
C ILE A 98 -4.61 14.83 3.17
N GLN A 99 -5.89 14.53 3.03
CA GLN A 99 -6.90 15.01 3.97
C GLN A 99 -6.73 14.53 5.41
N LYS A 100 -6.32 13.25 5.52
CA LYS A 100 -6.10 12.64 6.85
C LYS A 100 -4.93 13.31 7.52
N TYR A 101 -3.97 13.87 6.77
CA TYR A 101 -2.81 14.56 7.35
C TYR A 101 -2.60 15.98 6.82
N SER A 102 -3.66 16.78 6.63
CA SER A 102 -3.55 18.07 5.96
C SER A 102 -2.94 19.18 6.78
N GLY A 103 -3.03 19.04 8.10
CA GLY A 103 -2.44 20.11 8.95
C GLY A 103 -3.57 20.95 9.58
N ARG A 104 -4.77 20.85 9.04
CA ARG A 104 -5.93 21.59 9.53
C ARG A 104 -7.16 20.68 9.56
N GLU A 105 -7.01 19.46 10.07
CA GLU A 105 -8.03 18.44 10.10
C GLU A 105 -9.23 18.72 10.99
N SER A 106 -9.19 19.74 11.84
CA SER A 106 -10.34 20.09 12.66
C SER A 106 -11.06 21.32 12.13
N SER A 107 -10.46 22.06 11.20
CA SER A 107 -11.05 23.30 10.73
C SER A 107 -11.50 23.35 9.29
N VAL A 108 -11.51 22.25 8.55
CA VAL A 108 -11.98 22.24 7.15
C VAL A 108 -12.90 21.04 6.93
N PRO A 109 -14.01 21.16 6.23
CA PRO A 109 -14.93 20.06 5.96
C PRO A 109 -14.41 19.05 4.95
N PRO A 110 -14.42 17.75 5.27
CA PRO A 110 -13.86 16.74 4.36
C PRO A 110 -14.67 16.68 3.07
N PHE A 111 -14.07 16.27 1.96
CA PHE A 111 -14.74 16.22 0.66
C PHE A 111 -15.88 15.20 0.61
N PHE A 112 -16.78 15.40 -0.34
CA PHE A 112 -17.91 14.51 -0.55
C PHE A 112 -17.76 13.81 -1.92
N GLU A 113 -18.05 12.52 -1.96
CA GLU A 113 -18.02 11.72 -3.17
C GLU A 113 -19.45 11.45 -3.70
N HIS A 114 -19.61 11.66 -4.99
CA HIS A 114 -20.92 11.35 -5.62
C HIS A 114 -20.74 10.47 -6.85
N TYR A 115 -21.79 9.64 -7.10
CA TYR A 115 -21.76 8.67 -8.22
C TYR A 115 -22.86 9.01 -9.23
N VAL A 116 -22.50 9.32 -10.44
CA VAL A 116 -23.52 9.89 -11.39
C VAL A 116 -23.48 9.25 -12.75
N ARG A 117 -24.67 9.11 -13.37
CA ARG A 117 -24.76 8.63 -14.74
C ARG A 117 -24.63 9.83 -15.71
N LEU A 118 -24.14 9.58 -16.93
CA LEU A 118 -24.00 10.67 -17.92
C LEU A 118 -25.30 11.27 -18.37
N LYS A 119 -26.31 10.41 -18.58
CA LYS A 119 -27.58 10.86 -19.10
C LYS A 119 -28.68 10.73 -18.06
N SER A 120 -29.81 11.36 -18.35
CA SER A 120 -30.93 11.32 -17.42
C SER A 120 -31.79 10.08 -17.65
N TYR A 121 -31.49 9.01 -16.94
CA TYR A 121 -32.26 7.77 -17.00
C TYR A 121 -33.22 7.72 -15.81
N GLN A 122 -34.11 6.73 -15.79
CA GLN A 122 -34.98 6.62 -14.58
C GLN A 122 -34.14 6.16 -13.39
N ASN A 123 -34.25 6.81 -12.22
CA ASN A 123 -33.44 6.39 -11.08
C ASN A 123 -33.66 4.90 -10.79
N ASP A 124 -32.58 4.20 -10.43
CA ASP A 124 -32.57 2.80 -10.02
C ASP A 124 -32.18 2.67 -8.56
N ASN A 125 -32.43 3.70 -7.76
CA ASN A 125 -32.02 3.67 -6.35
C ASN A 125 -32.97 2.86 -5.47
N SER A 126 -32.49 2.45 -4.32
CA SER A 126 -33.30 1.74 -3.32
C SER A 126 -32.60 1.81 -1.97
N THR A 127 -33.36 1.64 -0.89
CA THR A 127 -32.83 1.73 0.47
C THR A 127 -31.66 0.75 0.73
N GLY A 128 -30.51 1.31 1.18
CA GLY A 128 -29.38 0.38 1.45
C GLY A 128 -28.50 0.17 0.26
N GLN A 129 -28.87 0.67 -0.92
CA GLN A 129 -28.03 0.52 -2.10
C GLN A 129 -27.31 1.84 -2.43
N LEU A 130 -26.29 1.77 -3.27
CA LEU A 130 -25.52 3.00 -3.61
C LEU A 130 -26.39 4.10 -4.21
N THR A 131 -26.21 5.33 -3.72
CA THR A 131 -26.96 6.42 -4.37
C THR A 131 -26.29 6.76 -5.70
N VAL A 132 -27.03 6.58 -6.79
CA VAL A 132 -26.55 6.93 -8.12
C VAL A 132 -27.45 8.03 -8.70
N LEU A 133 -26.90 9.18 -9.00
CA LEU A 133 -27.74 10.27 -9.57
C LEU A 133 -27.81 10.17 -11.07
N SER A 134 -29.02 10.44 -11.62
CA SER A 134 -29.18 10.45 -13.07
C SER A 134 -30.04 11.63 -13.55
N ASP A 135 -31.32 11.55 -13.27
CA ASP A 135 -32.32 12.53 -13.64
C ASP A 135 -32.23 13.81 -12.84
N ASP A 136 -31.88 13.75 -11.56
CA ASP A 136 -31.85 14.96 -10.73
C ASP A 136 -30.46 15.34 -10.23
N LEU A 137 -29.93 16.45 -10.70
CA LEU A 137 -28.61 16.93 -10.30
C LEU A 137 -28.70 18.14 -9.39
N SER A 138 -29.88 18.40 -8.79
CA SER A 138 -30.10 19.54 -7.94
C SER A 138 -29.28 19.66 -6.67
N ILE A 139 -28.75 18.57 -6.10
CA ILE A 139 -27.89 18.69 -4.92
C ILE A 139 -26.63 19.53 -5.21
N PHE A 140 -26.23 19.73 -6.48
CA PHE A 140 -25.05 20.50 -6.80
C PHE A 140 -25.25 22.02 -6.87
N ARG A 141 -26.48 22.50 -6.66
CA ARG A 141 -26.71 23.97 -6.71
C ARG A 141 -25.82 24.68 -5.69
N ASP A 142 -25.14 25.73 -6.11
CA ASP A 142 -24.21 26.51 -5.34
C ASP A 142 -23.02 25.73 -4.71
N LYS A 143 -22.60 24.64 -5.33
CA LYS A 143 -21.47 23.87 -4.81
C LYS A 143 -20.25 23.98 -5.71
N HIS A 144 -19.06 23.76 -5.11
CA HIS A 144 -17.81 23.67 -5.87
C HIS A 144 -17.71 22.20 -6.38
N VAL A 145 -17.82 21.98 -7.67
CA VAL A 145 -17.85 20.63 -8.21
C VAL A 145 -16.65 20.30 -9.07
N LEU A 146 -16.11 19.09 -8.83
CA LEU A 146 -14.99 18.55 -9.61
C LEU A 146 -15.51 17.28 -10.27
N ILE A 147 -15.51 17.19 -11.58
CA ILE A 147 -15.98 16.04 -12.35
C ILE A 147 -14.79 15.18 -12.80
N VAL A 148 -14.82 13.89 -12.45
CA VAL A 148 -13.69 12.99 -12.74
C VAL A 148 -14.03 11.95 -13.79
N GLU A 149 -13.19 11.83 -14.81
CA GLU A 149 -13.36 10.96 -15.95
C GLU A 149 -12.04 10.26 -16.31
N ASP A 150 -12.09 9.03 -16.84
CA ASP A 150 -10.85 8.34 -17.17
C ASP A 150 -10.01 8.98 -18.28
N ILE A 151 -10.64 9.45 -19.32
CA ILE A 151 -9.91 10.03 -20.45
C ILE A 151 -10.81 10.94 -21.28
N VAL A 152 -10.19 11.95 -21.87
CA VAL A 152 -10.89 12.87 -22.77
C VAL A 152 -10.37 12.61 -24.17
N ASP A 153 -11.25 12.27 -25.13
CA ASP A 153 -10.85 12.06 -26.53
C ASP A 153 -11.48 13.19 -27.35
N THR A 154 -12.69 12.98 -27.82
CA THR A 154 -13.38 14.08 -28.53
C THR A 154 -13.88 15.19 -27.59
N GLY A 155 -14.17 14.87 -26.34
CA GLY A 155 -14.71 15.82 -25.36
C GLY A 155 -16.23 15.96 -25.44
N PHE A 156 -16.88 15.17 -26.31
CA PHE A 156 -18.34 15.28 -26.44
C PHE A 156 -19.04 14.81 -25.17
N THR A 157 -18.56 13.71 -24.56
CA THR A 157 -19.18 13.27 -23.31
C THR A 157 -19.25 14.36 -22.26
N LEU A 158 -18.10 15.02 -21.98
CA LEU A 158 -18.07 16.04 -20.93
C LEU A 158 -18.72 17.38 -21.30
N THR A 159 -18.81 17.61 -22.62
CA THR A 159 -19.55 18.82 -23.06
C THR A 159 -21.04 18.66 -22.78
N GLU A 160 -21.60 17.49 -23.16
CA GLU A 160 -23.02 17.24 -22.94
C GLU A 160 -23.36 17.20 -21.45
N PHE A 161 -22.55 16.43 -20.68
CA PHE A 161 -22.86 16.34 -19.24
C PHE A 161 -22.74 17.70 -18.59
N GLY A 162 -21.71 18.44 -18.98
CA GLY A 162 -21.52 19.80 -18.50
C GLY A 162 -22.75 20.72 -18.66
N GLU A 163 -23.42 20.66 -19.82
CA GLU A 163 -24.58 21.53 -20.05
C GLU A 163 -25.70 21.17 -19.08
N ARG A 164 -25.87 19.87 -18.83
CA ARG A 164 -26.89 19.46 -17.87
C ARG A 164 -26.58 19.96 -16.47
N LEU A 165 -25.28 19.88 -16.04
CA LEU A 165 -24.98 20.37 -14.70
C LEU A 165 -25.10 21.88 -14.53
N LYS A 166 -24.86 22.65 -15.62
CA LYS A 166 -25.00 24.12 -15.54
C LYS A 166 -26.44 24.53 -15.25
N ALA A 167 -27.40 23.67 -15.58
CA ALA A 167 -28.81 24.00 -15.35
C ALA A 167 -29.29 24.04 -13.91
N VAL A 168 -28.51 23.47 -12.97
CA VAL A 168 -28.86 23.52 -11.55
C VAL A 168 -28.08 24.64 -10.82
N GLY A 169 -27.20 25.31 -11.56
CA GLY A 169 -26.47 26.50 -11.05
C GLY A 169 -25.41 26.18 -9.97
N PRO A 170 -24.39 25.38 -10.27
CA PRO A 170 -23.28 25.19 -9.35
C PRO A 170 -22.37 26.42 -9.27
N LYS A 171 -21.68 26.52 -8.10
CA LYS A 171 -20.77 27.61 -7.81
C LYS A 171 -19.56 27.57 -8.74
N SER A 172 -18.95 26.39 -8.90
CA SER A 172 -17.82 26.30 -9.84
C SER A 172 -17.82 24.89 -10.43
N MET A 173 -17.21 24.72 -11.58
CA MET A 173 -17.13 23.43 -12.27
C MET A 173 -15.75 23.21 -12.87
N ARG A 174 -15.05 22.10 -12.48
CA ARG A 174 -13.74 21.81 -13.06
C ARG A 174 -13.67 20.33 -13.46
N ILE A 175 -12.67 19.96 -14.23
CA ILE A 175 -12.52 18.57 -14.72
C ILE A 175 -11.13 17.99 -14.39
N ALA A 176 -11.16 16.72 -13.88
CA ALA A 176 -9.90 15.99 -13.69
C ALA A 176 -9.91 14.75 -14.59
N THR A 177 -8.88 14.45 -15.36
CA THR A 177 -8.82 13.26 -16.19
C THR A 177 -7.37 12.73 -16.24
N LEU A 178 -7.20 11.40 -16.34
CA LEU A 178 -5.82 10.89 -16.36
C LEU A 178 -5.10 11.24 -17.67
N VAL A 179 -5.81 11.14 -18.80
CA VAL A 179 -5.20 11.35 -20.12
C VAL A 179 -6.06 12.30 -20.99
N GLU A 180 -5.34 13.09 -21.80
CA GLU A 180 -6.09 13.83 -22.85
C GLU A 180 -5.40 13.43 -24.16
N LYS A 181 -6.10 13.36 -25.29
CA LYS A 181 -5.52 13.07 -26.58
C LYS A 181 -5.27 14.34 -27.42
N ARG A 182 -4.15 14.40 -28.11
CA ARG A 182 -3.77 15.50 -29.00
C ARG A 182 -4.43 15.20 -30.35
N THR A 183 -5.69 15.64 -30.41
CA THR A 183 -6.46 15.46 -31.63
C THR A 183 -6.30 16.70 -32.51
N ASP A 184 -6.85 16.63 -33.73
CA ASP A 184 -6.66 17.79 -34.62
C ASP A 184 -7.80 18.79 -34.59
N ARG A 185 -8.25 19.24 -33.41
CA ARG A 185 -9.34 20.18 -33.32
C ARG A 185 -9.01 21.51 -32.65
N SER A 186 -9.90 22.47 -32.92
CA SER A 186 -9.79 23.81 -32.35
C SER A 186 -10.93 24.04 -31.36
N ASN A 187 -10.64 24.65 -30.22
CA ASN A 187 -11.68 24.88 -29.21
C ASN A 187 -12.31 23.58 -28.71
N SER A 188 -11.53 22.52 -28.66
CA SER A 188 -11.98 21.23 -28.16
C SER A 188 -11.94 21.25 -26.62
N LEU A 189 -12.92 20.65 -25.96
CA LEU A 189 -12.92 20.67 -24.48
C LEU A 189 -11.61 20.05 -23.93
N LYS A 190 -11.13 20.67 -22.86
CA LYS A 190 -9.97 20.08 -22.19
C LYS A 190 -10.16 20.17 -20.68
N GLY A 191 -9.39 19.35 -19.93
CA GLY A 191 -9.52 19.32 -18.49
C GLY A 191 -8.70 20.38 -17.75
N ASP A 192 -8.95 20.45 -16.44
CA ASP A 192 -8.24 21.38 -15.57
C ASP A 192 -7.11 20.66 -14.83
N PHE A 193 -7.25 19.39 -14.48
CA PHE A 193 -6.21 18.63 -13.77
C PHE A 193 -5.99 17.35 -14.58
N VAL A 194 -4.96 17.39 -15.46
CA VAL A 194 -4.76 16.30 -16.41
C VAL A 194 -3.40 15.64 -16.18
N GLY A 195 -3.43 14.32 -16.17
CA GLY A 195 -2.22 13.50 -15.91
C GLY A 195 -1.21 13.56 -17.08
N PHE A 196 -1.67 13.17 -18.25
CA PHE A 196 -0.80 13.07 -19.45
C PHE A 196 -1.46 13.66 -20.72
N SER A 197 -0.61 14.23 -21.56
CA SER A 197 -1.04 14.58 -22.95
C SER A 197 -0.35 13.54 -23.84
N ILE A 198 -1.10 12.78 -24.64
CA ILE A 198 -0.57 11.74 -25.49
C ILE A 198 -1.05 11.93 -26.94
N GLU A 199 -0.38 11.23 -27.86
CA GLU A 199 -0.83 11.30 -29.26
C GLU A 199 -2.16 10.63 -29.47
N ASP A 200 -2.88 10.94 -30.58
CA ASP A 200 -4.20 10.36 -30.79
C ASP A 200 -4.20 8.90 -31.17
N VAL A 201 -4.16 8.00 -30.17
CA VAL A 201 -4.10 6.56 -30.32
C VAL A 201 -5.09 5.91 -29.34
N TRP A 202 -5.46 4.66 -29.52
CA TRP A 202 -6.44 4.00 -28.65
C TRP A 202 -5.68 3.15 -27.63
N ILE A 203 -5.95 3.39 -26.35
CA ILE A 203 -5.17 2.77 -25.28
C ILE A 203 -5.95 1.77 -24.42
N VAL A 204 -5.21 0.82 -23.83
CA VAL A 204 -5.67 -0.22 -22.93
C VAL A 204 -4.76 -0.39 -21.71
N GLY A 205 -5.24 -1.08 -20.68
CA GLY A 205 -4.42 -1.26 -19.45
C GLY A 205 -4.80 -0.24 -18.37
N CYS A 206 -4.53 -0.59 -17.09
CA CYS A 206 -4.97 0.19 -15.94
C CYS A 206 -6.48 0.39 -15.90
N CYS A 207 -6.97 1.66 -16.04
CA CYS A 207 -8.40 1.86 -16.05
C CYS A 207 -9.01 1.56 -17.40
N TYR A 208 -8.25 1.33 -18.44
CA TYR A 208 -8.76 1.13 -19.79
C TYR A 208 -8.77 -0.33 -20.19
N ASP A 209 -9.72 -0.74 -21.04
CA ASP A 209 -9.77 -2.10 -21.53
C ASP A 209 -10.35 -2.19 -22.95
N PHE A 210 -10.33 -3.39 -23.51
CA PHE A 210 -10.84 -3.69 -24.85
C PHE A 210 -11.36 -5.13 -24.76
N ASN A 211 -12.66 -5.29 -24.61
CA ASN A 211 -13.30 -6.60 -24.53
C ASN A 211 -12.73 -7.53 -23.47
N GLU A 212 -12.47 -6.95 -22.29
CA GLU A 212 -11.91 -7.69 -21.14
C GLU A 212 -10.56 -8.33 -21.38
N MET A 213 -9.89 -8.10 -22.51
CA MET A 213 -8.62 -8.70 -22.82
C MET A 213 -7.46 -8.19 -21.95
N PHE A 214 -7.60 -7.01 -21.37
CA PHE A 214 -6.49 -6.42 -20.58
C PHE A 214 -6.94 -6.17 -19.17
N ARG A 215 -7.83 -7.02 -18.63
CA ARG A 215 -8.46 -6.81 -17.34
C ARG A 215 -7.53 -6.87 -16.12
N ASP A 216 -6.39 -7.55 -16.27
CA ASP A 216 -5.40 -7.65 -15.23
C ASP A 216 -4.05 -7.04 -15.67
N PHE A 217 -4.05 -6.18 -16.68
CA PHE A 217 -2.84 -5.54 -17.22
C PHE A 217 -2.65 -4.19 -16.55
N ASP A 218 -1.61 -4.00 -15.73
CA ASP A 218 -1.46 -2.84 -14.86
C ASP A 218 -0.52 -1.79 -15.37
N HIS A 219 -0.36 -1.66 -16.67
CA HIS A 219 0.43 -0.62 -17.32
C HIS A 219 -0.52 -0.15 -18.46
N VAL A 220 -0.20 0.95 -19.12
CA VAL A 220 -1.01 1.40 -20.24
C VAL A 220 -0.25 1.16 -21.54
N ALA A 221 -0.94 0.70 -22.59
CA ALA A 221 -0.33 0.50 -23.89
C ALA A 221 -1.33 0.85 -25.02
N VAL A 222 -0.79 0.90 -26.23
CA VAL A 222 -1.66 1.15 -27.40
C VAL A 222 -2.30 -0.17 -27.79
N LEU A 223 -3.54 -0.19 -28.27
CA LEU A 223 -4.21 -1.40 -28.72
C LEU A 223 -3.61 -1.93 -30.03
N SER A 224 -3.16 -3.18 -30.00
CA SER A 224 -2.50 -3.80 -31.13
C SER A 224 -3.50 -4.40 -32.11
N ASP A 225 -3.05 -4.60 -33.35
CA ASP A 225 -3.88 -5.25 -34.36
C ASP A 225 -4.05 -6.73 -34.03
N ALA A 226 -3.08 -7.33 -33.35
CA ALA A 226 -3.24 -8.74 -32.97
C ALA A 226 -4.42 -8.82 -32.01
N ALA A 227 -4.45 -7.86 -31.07
CA ALA A 227 -5.56 -7.78 -30.13
C ALA A 227 -6.86 -7.48 -30.89
N ARG A 228 -6.85 -6.49 -31.77
CA ARG A 228 -8.07 -6.17 -32.51
C ARG A 228 -8.49 -7.34 -33.40
N LYS A 229 -7.53 -8.09 -33.93
CA LYS A 229 -7.82 -9.23 -34.77
C LYS A 229 -8.60 -10.30 -34.01
N LYS A 230 -8.05 -10.81 -32.91
CA LYS A 230 -8.72 -11.79 -32.07
C LYS A 230 -10.22 -11.54 -31.96
N PHE A 231 -10.51 -10.29 -31.61
CA PHE A 231 -11.85 -9.79 -31.41
C PHE A 231 -12.30 -8.85 -32.50
N GLY B 1 -19.54 -24.25 0.85
CA GLY B 1 -18.33 -23.64 1.61
C GLY B 1 -17.41 -23.18 0.50
N SER B 2 -16.27 -23.07 1.07
CA SER B 2 -15.02 -23.06 0.33
C SER B 2 -14.99 -24.38 -0.49
N HIS B 3 -13.77 -24.83 -0.50
CA HIS B 3 -12.87 -25.86 -0.91
C HIS B 3 -13.08 -26.22 -2.39
N MET B 4 -13.76 -27.30 -2.67
CA MET B 4 -14.00 -27.69 -4.07
C MET B 4 -14.86 -26.61 -4.75
N ALA B 5 -14.45 -26.23 -5.95
CA ALA B 5 -15.14 -25.18 -6.73
C ALA B 5 -16.63 -25.52 -6.89
N SER B 6 -16.89 -26.64 -7.55
CA SER B 6 -18.26 -27.13 -7.79
C SER B 6 -18.95 -27.33 -6.43
N LYS B 7 -20.25 -27.09 -6.45
CA LYS B 7 -21.10 -27.14 -5.25
C LYS B 7 -22.56 -27.09 -5.72
N PRO B 8 -23.43 -27.88 -5.10
CA PRO B 8 -24.83 -27.89 -5.46
C PRO B 8 -25.44 -26.50 -5.40
N ILE B 9 -26.23 -26.10 -6.42
CA ILE B 9 -26.90 -24.80 -6.43
C ILE B 9 -27.81 -24.66 -5.25
N GLU B 10 -28.43 -25.77 -4.79
CA GLU B 10 -29.31 -25.76 -3.64
C GLU B 10 -28.71 -25.33 -2.32
N ASP B 11 -27.41 -25.37 -2.17
CA ASP B 11 -26.68 -24.90 -1.01
C ASP B 11 -26.47 -23.38 -0.97
N TYR B 12 -26.85 -22.66 -2.04
CA TYR B 12 -26.76 -21.20 -2.00
C TYR B 12 -27.45 -20.64 -0.76
N GLY B 13 -26.74 -19.79 -0.01
CA GLY B 13 -27.28 -19.13 1.18
C GLY B 13 -27.29 -19.94 2.46
N LYS B 14 -26.82 -21.20 2.38
CA LYS B 14 -26.78 -22.02 3.59
C LYS B 14 -25.42 -21.94 4.27
N GLY B 15 -24.38 -21.41 3.62
CA GLY B 15 -23.03 -21.37 4.25
C GLY B 15 -22.53 -22.79 4.57
N LYS B 16 -22.87 -23.77 3.74
CA LYS B 16 -22.50 -25.15 4.08
C LYS B 16 -21.06 -25.43 3.77
N GLY B 17 -20.34 -25.95 4.79
CA GLY B 17 -18.93 -26.31 4.66
C GLY B 17 -18.00 -25.10 4.67
N ARG B 18 -18.53 -23.96 5.11
CA ARG B 18 -17.68 -22.75 5.11
C ARG B 18 -16.68 -22.79 6.25
N ILE B 19 -15.67 -21.94 6.21
CA ILE B 19 -14.74 -21.73 7.32
C ILE B 19 -15.45 -20.63 8.17
N GLU B 20 -15.75 -20.84 9.43
CA GLU B 20 -16.50 -19.83 10.19
C GLU B 20 -15.78 -18.50 10.29
N PRO B 21 -16.55 -17.41 10.25
CA PRO B 21 -15.98 -16.07 10.37
C PRO B 21 -15.35 -15.85 11.74
N MET B 22 -14.57 -14.75 11.84
CA MET B 22 -14.06 -14.34 13.16
C MET B 22 -15.20 -13.91 14.06
N TYR B 23 -15.31 -14.51 15.24
CA TYR B 23 -16.42 -14.23 16.17
C TYR B 23 -16.17 -13.03 17.03
N ILE B 24 -17.09 -12.04 16.98
CA ILE B 24 -16.95 -10.84 17.82
C ILE B 24 -18.07 -10.88 18.84
N PRO B 25 -17.77 -11.18 20.10
CA PRO B 25 -18.81 -11.35 21.12
C PRO B 25 -19.66 -10.12 21.37
N ASP B 26 -20.88 -10.33 21.90
CA ASP B 26 -21.73 -9.19 22.25
C ASP B 26 -21.03 -8.19 23.19
N ASN B 27 -21.41 -6.94 22.96
CA ASN B 27 -20.94 -5.80 23.73
C ASN B 27 -19.45 -5.78 23.94
N THR B 28 -18.67 -6.00 22.88
CA THR B 28 -17.21 -6.00 22.96
C THR B 28 -16.63 -4.94 22.05
N PHE B 29 -15.78 -4.04 22.57
CA PHE B 29 -15.30 -2.90 21.78
C PHE B 29 -13.83 -2.58 22.06
N TYR B 30 -13.24 -1.66 21.31
CA TYR B 30 -11.93 -1.10 21.49
C TYR B 30 -12.05 0.40 21.91
N ASN B 31 -11.00 0.97 22.50
CA ASN B 31 -11.03 2.38 22.90
C ASN B 31 -10.74 3.29 21.70
N ALA B 32 -11.69 4.18 21.37
CA ALA B 32 -11.40 5.05 20.22
C ALA B 32 -10.15 5.91 20.39
N ASP B 33 -9.73 6.26 21.61
CA ASP B 33 -8.55 7.08 21.83
C ASP B 33 -7.23 6.42 21.43
N ASP B 34 -7.28 5.09 21.18
CA ASP B 34 -6.07 4.37 20.74
C ASP B 34 -5.86 4.49 19.24
N PHE B 35 -6.82 5.04 18.45
CA PHE B 35 -6.73 5.05 17.00
C PHE B 35 -6.87 6.45 16.41
N LEU B 36 -6.44 6.57 15.15
CA LEU B 36 -6.63 7.88 14.45
C LEU B 36 -8.08 8.00 14.01
N VAL B 37 -8.85 8.98 14.45
CA VAL B 37 -10.26 9.24 14.14
C VAL B 37 -10.37 10.70 13.64
N PRO B 38 -11.13 10.95 12.59
CA PRO B 38 -11.31 12.35 12.13
C PRO B 38 -11.91 13.19 13.21
N PRO B 39 -11.39 14.41 13.47
CA PRO B 39 -11.95 15.26 14.49
C PRO B 39 -13.45 15.48 14.36
N HIS B 40 -13.94 15.61 13.11
CA HIS B 40 -15.40 15.84 13.00
C HIS B 40 -16.25 14.65 13.37
N CYS B 41 -15.70 13.44 13.51
CA CYS B 41 -16.49 12.28 13.89
C CYS B 41 -16.39 12.04 15.38
N LYS B 42 -15.43 12.75 16.05
CA LYS B 42 -15.24 12.49 17.48
C LYS B 42 -16.43 12.68 18.41
N PRO B 43 -17.30 13.65 18.20
CA PRO B 43 -18.48 13.83 19.04
C PRO B 43 -19.46 12.66 18.94
N TYR B 44 -19.35 11.85 17.86
CA TYR B 44 -20.27 10.77 17.60
C TYR B 44 -19.65 9.39 17.80
N ILE B 45 -18.41 9.29 18.22
CA ILE B 45 -17.70 8.02 18.42
C ILE B 45 -16.87 7.97 19.70
N ASP B 46 -17.27 7.12 20.63
CA ASP B 46 -16.54 6.88 21.88
C ASP B 46 -15.87 5.52 21.84
N LYS B 47 -16.48 4.54 21.15
CA LYS B 47 -15.89 3.20 21.06
C LYS B 47 -15.86 2.65 19.63
N ILE B 48 -14.86 1.82 19.31
CA ILE B 48 -14.68 1.22 17.98
C ILE B 48 -14.99 -0.28 18.05
N LEU B 49 -15.68 -0.79 17.02
CA LEU B 49 -16.06 -2.21 17.00
C LEU B 49 -14.95 -3.00 16.30
N LEU B 50 -14.45 -2.53 15.16
CA LEU B 50 -13.41 -3.24 14.39
C LEU B 50 -12.39 -2.21 13.90
N PRO B 51 -11.14 -2.23 14.38
CA PRO B 51 -10.11 -1.39 13.83
C PRO B 51 -9.93 -1.67 12.33
N GLY B 52 -9.67 -0.64 11.52
CA GLY B 52 -9.46 -0.78 10.07
C GLY B 52 -8.36 -1.76 9.66
N GLY B 53 -7.31 -1.84 10.49
CA GLY B 53 -6.22 -2.80 10.17
C GLY B 53 -6.71 -4.24 10.40
N LEU B 54 -7.58 -4.45 11.37
CA LEU B 54 -8.11 -5.80 11.60
C LEU B 54 -9.01 -6.17 10.42
N VAL B 55 -9.84 -5.20 9.96
CA VAL B 55 -10.63 -5.37 8.76
C VAL B 55 -9.75 -5.81 7.58
N LYS B 56 -8.59 -5.16 7.35
CA LYS B 56 -7.75 -5.51 6.20
C LYS B 56 -7.15 -6.91 6.39
N ASP B 57 -6.71 -7.26 7.62
CA ASP B 57 -6.15 -8.63 7.77
C ASP B 57 -7.19 -9.72 7.48
N ARG B 58 -8.45 -9.47 7.87
CA ARG B 58 -9.48 -10.47 7.54
C ARG B 58 -9.77 -10.51 6.06
N VAL B 59 -9.82 -9.38 5.34
CA VAL B 59 -10.05 -9.39 3.88
C VAL B 59 -8.93 -10.16 3.18
N GLU B 60 -7.67 -10.01 3.67
CA GLU B 60 -6.56 -10.75 3.10
C GLU B 60 -6.80 -12.27 3.28
N LYS B 61 -7.24 -12.66 4.44
CA LYS B 61 -7.44 -14.10 4.70
C LYS B 61 -8.62 -14.60 3.84
N LEU B 62 -9.70 -13.82 3.70
CA LEU B 62 -10.81 -14.28 2.83
C LEU B 62 -10.37 -14.40 1.37
N ALA B 63 -9.45 -13.52 0.89
CA ALA B 63 -8.97 -13.56 -0.49
C ALA B 63 -8.16 -14.88 -0.68
N TYR B 64 -7.36 -15.19 0.34
CA TYR B 64 -6.66 -16.49 0.31
C TYR B 64 -7.65 -17.65 0.17
N ASP B 65 -8.66 -17.68 1.03
CA ASP B 65 -9.65 -18.76 1.03
C ASP B 65 -10.31 -18.87 -0.34
N ILE B 66 -10.77 -17.73 -0.87
CA ILE B 66 -11.38 -17.72 -2.22
C ILE B 66 -10.47 -18.25 -3.31
N HIS B 67 -9.20 -17.84 -3.34
CA HIS B 67 -8.24 -18.29 -4.33
C HIS B 67 -8.08 -19.82 -4.24
N ARG B 68 -8.03 -20.33 -3.03
CA ARG B 68 -7.87 -21.81 -2.89
C ARG B 68 -9.13 -22.49 -3.42
N THR B 69 -10.33 -21.97 -3.13
CA THR B 69 -11.57 -22.64 -3.60
C THR B 69 -11.61 -22.72 -5.11
N TYR B 70 -11.25 -21.65 -5.81
CA TYR B 70 -11.33 -21.54 -7.26
C TYR B 70 -10.02 -21.82 -7.99
N PHE B 71 -9.02 -22.39 -7.29
CA PHE B 71 -7.75 -22.74 -7.96
C PHE B 71 -7.96 -23.50 -9.25
N GLY B 72 -7.35 -23.08 -10.36
CA GLY B 72 -7.47 -23.72 -11.65
C GLY B 72 -8.78 -23.56 -12.38
N GLU B 73 -9.69 -22.69 -11.85
CA GLU B 73 -10.99 -22.48 -12.48
C GLU B 73 -11.20 -21.05 -13.02
N GLU B 74 -12.10 -20.93 -13.98
CA GLU B 74 -12.49 -19.59 -14.46
C GLU B 74 -13.48 -19.04 -13.46
N LEU B 75 -13.25 -17.85 -12.88
CA LEU B 75 -14.14 -17.28 -11.88
C LEU B 75 -14.79 -15.95 -12.35
N HIS B 76 -16.10 -15.87 -12.14
CA HIS B 76 -16.89 -14.68 -12.43
C HIS B 76 -17.36 -14.06 -11.12
N ILE B 77 -16.86 -12.83 -10.84
CA ILE B 77 -17.15 -12.20 -9.56
C ILE B 77 -18.23 -11.11 -9.76
N ILE B 78 -19.38 -11.32 -9.15
CA ILE B 78 -20.45 -10.31 -9.31
C ILE B 78 -20.40 -9.35 -8.13
N CYS B 79 -20.14 -8.09 -8.41
CA CYS B 79 -20.09 -7.08 -7.36
C CYS B 79 -21.38 -6.25 -7.34
N ILE B 80 -22.14 -6.36 -6.25
CA ILE B 80 -23.30 -5.43 -6.10
C ILE B 80 -22.69 -4.02 -6.09
N LEU B 81 -23.09 -3.18 -7.04
CA LEU B 81 -22.38 -1.91 -7.22
C LEU B 81 -22.33 -1.02 -6.00
N LYS B 82 -21.14 -0.69 -5.50
CA LYS B 82 -20.91 0.24 -4.39
C LYS B 82 -19.84 1.27 -4.79
N GLY B 83 -19.59 2.22 -3.89
CA GLY B 83 -18.61 3.28 -4.25
C GLY B 83 -17.16 2.85 -4.01
N SER B 84 -16.29 3.87 -4.01
CA SER B 84 -14.83 3.62 -3.81
C SER B 84 -14.50 2.92 -2.50
N ARG B 85 -15.27 3.16 -1.44
CA ARG B 85 -15.01 2.55 -0.13
C ARG B 85 -15.65 1.17 0.04
N GLY B 86 -16.34 0.67 -0.99
CA GLY B 86 -17.04 -0.63 -0.75
C GLY B 86 -16.06 -1.78 -0.52
N PHE B 87 -16.59 -2.77 0.19
CA PHE B 87 -15.82 -4.00 0.51
C PHE B 87 -15.31 -4.65 -0.76
N PHE B 88 -16.05 -4.64 -1.88
CA PHE B 88 -15.56 -5.36 -3.08
C PHE B 88 -14.26 -4.78 -3.60
N ASN B 89 -13.98 -3.49 -3.44
CA ASN B 89 -12.74 -2.92 -3.95
C ASN B 89 -11.52 -3.49 -3.18
N LEU B 90 -11.60 -3.62 -1.88
CA LEU B 90 -10.46 -4.16 -1.13
C LEU B 90 -10.26 -5.65 -1.40
N LEU B 91 -11.41 -6.37 -1.49
CA LEU B 91 -11.30 -7.80 -1.80
C LEU B 91 -10.64 -8.07 -3.15
N ILE B 92 -11.07 -7.33 -4.20
CA ILE B 92 -10.46 -7.43 -5.53
C ILE B 92 -8.98 -7.06 -5.52
N ASP B 93 -8.60 -6.04 -4.77
CA ASP B 93 -7.15 -5.68 -4.68
C ASP B 93 -6.32 -6.88 -4.23
N TYR B 94 -6.77 -7.56 -3.15
CA TYR B 94 -5.99 -8.72 -2.65
C TYR B 94 -6.04 -9.87 -3.67
N LEU B 95 -7.24 -10.13 -4.26
CA LEU B 95 -7.28 -11.22 -5.26
C LEU B 95 -6.42 -10.94 -6.45
N ALA B 96 -6.33 -9.67 -6.90
CA ALA B 96 -5.51 -9.31 -8.04
C ALA B 96 -3.99 -9.47 -7.73
N THR B 97 -3.63 -9.13 -6.49
CA THR B 97 -2.20 -9.34 -6.13
C THR B 97 -1.84 -10.81 -6.08
N ILE B 98 -2.72 -11.65 -5.53
CA ILE B 98 -2.45 -13.10 -5.50
C ILE B 98 -2.36 -13.65 -6.91
N GLN B 99 -3.27 -13.24 -7.80
CA GLN B 99 -3.28 -13.69 -9.19
C GLN B 99 -2.03 -13.29 -9.95
N LYS B 100 -1.53 -12.10 -9.73
CA LYS B 100 -0.34 -11.54 -10.40
C LYS B 100 0.95 -12.29 -10.04
N TYR B 101 0.96 -12.85 -8.84
CA TYR B 101 2.18 -13.55 -8.39
C TYR B 101 2.01 -15.05 -8.33
N SER B 102 0.99 -15.63 -8.98
CA SER B 102 0.79 -17.09 -8.99
C SER B 102 1.20 -17.63 -10.36
N GLY B 103 2.50 -17.62 -10.66
CA GLY B 103 3.10 -17.99 -11.92
C GLY B 103 2.77 -19.35 -12.50
N ARG B 104 2.57 -20.35 -11.64
CA ARG B 104 2.22 -21.69 -12.07
C ARG B 104 0.81 -21.77 -12.63
N GLU B 105 -0.04 -20.77 -12.37
CA GLU B 105 -1.42 -20.72 -12.84
C GLU B 105 -1.65 -19.79 -14.02
N SER B 106 -0.61 -19.51 -14.81
CA SER B 106 -0.75 -18.62 -15.96
C SER B 106 -1.65 -19.11 -17.07
N SER B 107 -1.95 -20.42 -17.17
CA SER B 107 -2.83 -20.97 -18.17
C SER B 107 -4.32 -20.86 -17.83
N VAL B 108 -4.60 -20.44 -16.58
CA VAL B 108 -6.01 -20.29 -16.15
C VAL B 108 -6.46 -18.88 -16.46
N PRO B 109 -7.65 -18.69 -17.03
CA PRO B 109 -8.12 -17.34 -17.35
C PRO B 109 -8.12 -16.52 -16.07
N PRO B 110 -7.63 -15.29 -16.04
CA PRO B 110 -7.74 -14.46 -14.84
C PRO B 110 -9.21 -14.19 -14.52
N PHE B 111 -9.52 -13.85 -13.28
CA PHE B 111 -10.95 -13.60 -12.93
C PHE B 111 -11.57 -12.45 -13.76
N PHE B 112 -12.92 -12.54 -13.83
CA PHE B 112 -13.69 -11.52 -14.53
C PHE B 112 -14.52 -10.79 -13.46
N GLU B 113 -14.49 -9.45 -13.45
CA GLU B 113 -15.22 -8.62 -12.53
C GLU B 113 -16.46 -8.08 -13.25
N HIS B 114 -17.63 -8.27 -12.66
CA HIS B 114 -18.94 -7.82 -13.14
C HIS B 114 -19.67 -6.98 -12.11
N TYR B 115 -20.48 -6.04 -12.57
CA TYR B 115 -21.22 -5.09 -11.72
C TYR B 115 -22.74 -5.29 -11.88
N VAL B 116 -23.48 -5.42 -10.79
CA VAL B 116 -24.95 -5.52 -10.86
C VAL B 116 -25.65 -4.49 -9.98
N ARG B 117 -26.87 -4.11 -10.45
CA ARG B 117 -27.78 -3.26 -9.68
C ARG B 117 -29.03 -4.11 -9.43
N LEU B 118 -29.69 -3.82 -8.30
CA LEU B 118 -30.84 -4.63 -7.91
C LEU B 118 -32.19 -4.09 -8.41
N LYS B 119 -32.15 -2.98 -9.08
CA LYS B 119 -33.23 -2.35 -9.83
C LYS B 119 -32.75 -2.18 -11.27
N SER B 120 -33.67 -2.02 -12.22
CA SER B 120 -33.33 -1.82 -13.61
C SER B 120 -32.41 -0.62 -13.85
N TYR B 121 -31.21 -0.96 -14.36
CA TYR B 121 -30.18 0.00 -14.70
C TYR B 121 -30.21 0.20 -16.22
N GLN B 122 -30.61 1.39 -16.66
CA GLN B 122 -30.67 1.63 -18.11
C GLN B 122 -29.35 2.14 -18.66
N ASN B 123 -29.10 1.81 -19.92
CA ASN B 123 -27.82 2.26 -20.54
C ASN B 123 -28.03 2.50 -22.02
N ASP B 124 -27.02 3.02 -22.68
CA ASP B 124 -27.04 3.27 -24.12
C ASP B 124 -25.79 2.59 -24.70
N ASN B 125 -25.99 1.72 -25.69
CA ASN B 125 -24.88 0.97 -26.25
C ASN B 125 -23.75 1.73 -26.92
N SER B 126 -22.53 1.25 -26.69
CA SER B 126 -21.29 1.78 -27.20
C SER B 126 -21.07 3.26 -26.90
N THR B 127 -21.67 3.73 -25.81
CA THR B 127 -21.48 5.13 -25.41
C THR B 127 -20.40 5.20 -24.35
N GLY B 128 -19.62 4.14 -24.17
CA GLY B 128 -18.51 4.01 -23.26
C GLY B 128 -18.82 4.03 -21.78
N GLN B 129 -20.07 3.89 -21.36
CA GLN B 129 -20.43 3.94 -19.94
C GLN B 129 -20.11 2.61 -19.27
N LEU B 130 -20.15 2.57 -17.94
CA LEU B 130 -19.91 1.28 -17.26
C LEU B 130 -21.02 0.29 -17.57
N THR B 131 -20.62 -0.93 -17.93
CA THR B 131 -21.60 -2.00 -18.13
C THR B 131 -22.06 -2.53 -16.78
N VAL B 132 -23.30 -2.21 -16.44
CA VAL B 132 -23.87 -2.67 -15.17
C VAL B 132 -25.05 -3.58 -15.51
N LEU B 133 -25.07 -4.82 -15.00
CA LEU B 133 -26.14 -5.73 -15.34
C LEU B 133 -27.31 -5.62 -14.37
N SER B 134 -28.53 -6.00 -14.79
CA SER B 134 -29.67 -5.94 -13.88
C SER B 134 -30.70 -6.98 -14.37
N ASP B 135 -31.45 -6.60 -15.41
CA ASP B 135 -32.49 -7.52 -15.93
C ASP B 135 -31.96 -8.75 -16.65
N ASP B 136 -30.86 -8.62 -17.39
CA ASP B 136 -30.35 -9.78 -18.15
C ASP B 136 -29.09 -10.36 -17.50
N LEU B 137 -29.22 -11.58 -16.98
CA LEU B 137 -28.10 -12.28 -16.32
C LEU B 137 -27.64 -13.48 -17.13
N SER B 138 -28.03 -13.60 -18.40
CA SER B 138 -27.69 -14.79 -19.18
C SER B 138 -26.20 -15.09 -19.38
N ILE B 139 -25.31 -14.13 -19.25
CA ILE B 139 -23.88 -14.41 -19.41
C ILE B 139 -23.33 -15.36 -18.33
N PHE B 140 -24.03 -15.55 -17.23
CA PHE B 140 -23.53 -16.44 -16.18
C PHE B 140 -23.87 -17.92 -16.40
N ARG B 141 -24.58 -18.26 -17.46
CA ARG B 141 -24.94 -19.67 -17.71
C ARG B 141 -23.67 -20.50 -17.78
N ASP B 142 -23.62 -21.57 -17.00
CA ASP B 142 -22.57 -22.53 -16.83
C ASP B 142 -21.26 -21.92 -16.31
N LYS B 143 -21.37 -20.85 -15.52
CA LYS B 143 -20.13 -20.27 -14.96
C LYS B 143 -20.06 -20.42 -13.44
N HIS B 144 -18.81 -20.37 -12.90
CA HIS B 144 -18.61 -20.35 -11.45
C HIS B 144 -18.78 -18.86 -11.00
N VAL B 145 -19.74 -18.63 -10.12
CA VAL B 145 -20.06 -17.26 -9.71
C VAL B 145 -19.88 -17.01 -8.22
N LEU B 146 -19.26 -15.88 -7.86
CA LEU B 146 -19.11 -15.40 -6.51
C LEU B 146 -19.76 -14.00 -6.35
N ILE B 147 -20.83 -13.97 -5.55
CA ILE B 147 -21.50 -12.67 -5.31
C ILE B 147 -20.89 -11.92 -4.11
N VAL B 148 -20.46 -10.68 -4.29
CA VAL B 148 -19.77 -9.91 -3.23
C VAL B 148 -20.65 -8.75 -2.71
N GLU B 149 -20.88 -8.77 -1.40
CA GLU B 149 -21.80 -7.83 -0.73
C GLU B 149 -21.16 -7.24 0.51
N ASP B 150 -21.36 -5.94 0.79
CA ASP B 150 -20.83 -5.33 2.00
C ASP B 150 -21.24 -5.98 3.31
N ILE B 151 -22.57 -6.29 3.50
CA ILE B 151 -22.95 -6.86 4.79
C ILE B 151 -24.21 -7.69 4.67
N VAL B 152 -24.31 -8.78 5.41
CA VAL B 152 -25.57 -9.54 5.45
C VAL B 152 -26.23 -9.27 6.80
N ASP B 153 -27.34 -8.52 6.74
CA ASP B 153 -28.19 -8.24 7.89
C ASP B 153 -29.37 -9.23 7.69
N THR B 154 -30.37 -8.86 6.87
CA THR B 154 -31.41 -9.89 6.63
C THR B 154 -31.03 -10.75 5.44
N GLY B 155 -30.27 -10.18 4.50
CA GLY B 155 -29.89 -10.91 3.28
C GLY B 155 -31.00 -11.03 2.26
N PHE B 156 -32.15 -10.32 2.44
CA PHE B 156 -33.22 -10.42 1.46
C PHE B 156 -32.78 -10.05 0.06
N THR B 157 -31.88 -9.04 -0.08
CA THR B 157 -31.40 -8.66 -1.42
C THR B 157 -30.69 -9.83 -2.10
N LEU B 158 -29.87 -10.57 -1.35
CA LEU B 158 -29.17 -11.74 -1.91
C LEU B 158 -30.09 -12.94 -2.14
N THR B 159 -31.13 -13.10 -1.35
CA THR B 159 -32.08 -14.21 -1.60
C THR B 159 -32.84 -13.93 -2.90
N GLU B 160 -33.37 -12.72 -3.08
CA GLU B 160 -34.09 -12.38 -4.29
C GLU B 160 -33.25 -12.43 -5.56
N PHE B 161 -32.04 -11.85 -5.52
CA PHE B 161 -31.13 -11.90 -6.65
C PHE B 161 -30.68 -13.34 -6.97
N GLY B 162 -30.43 -14.14 -5.92
CA GLY B 162 -30.01 -15.52 -6.11
C GLY B 162 -31.06 -16.35 -6.88
N GLU B 163 -32.35 -16.09 -6.58
CA GLU B 163 -33.40 -16.85 -7.30
C GLU B 163 -33.38 -16.46 -8.77
N ARG B 164 -33.08 -15.18 -9.08
CA ARG B 164 -33.06 -14.78 -10.48
C ARG B 164 -31.85 -15.42 -11.18
N LEU B 165 -30.68 -15.42 -10.54
CA LEU B 165 -29.48 -16.00 -11.13
C LEU B 165 -29.64 -17.48 -11.36
N LYS B 166 -30.28 -18.21 -10.43
CA LYS B 166 -30.48 -19.65 -10.63
C LYS B 166 -31.20 -19.98 -11.95
N ALA B 167 -32.13 -19.13 -12.35
CA ALA B 167 -32.87 -19.36 -13.62
C ALA B 167 -32.03 -19.36 -14.88
N VAL B 168 -30.77 -18.88 -14.86
CA VAL B 168 -29.92 -18.87 -16.04
C VAL B 168 -29.03 -20.10 -16.04
N GLY B 169 -29.07 -20.89 -14.97
CA GLY B 169 -28.29 -22.09 -14.84
C GLY B 169 -26.78 -21.96 -14.68
N PRO B 170 -26.31 -21.24 -13.68
CA PRO B 170 -24.87 -21.16 -13.41
C PRO B 170 -24.33 -22.50 -12.90
N LYS B 171 -23.02 -22.70 -13.07
CA LYS B 171 -22.35 -23.92 -12.61
C LYS B 171 -22.22 -23.96 -11.10
N SER B 172 -21.94 -22.82 -10.40
CA SER B 172 -21.93 -22.79 -8.96
C SER B 172 -22.19 -21.31 -8.50
N MET B 173 -22.66 -21.20 -7.28
CA MET B 173 -22.99 -19.87 -6.71
C MET B 173 -22.54 -19.81 -5.26
N ARG B 174 -21.73 -18.81 -4.88
CA ARG B 174 -21.28 -18.59 -3.53
C ARG B 174 -21.34 -17.09 -3.16
N ILE B 175 -21.33 -16.80 -1.86
CA ILE B 175 -21.37 -15.43 -1.38
C ILE B 175 -20.15 -15.04 -0.53
N ALA B 176 -19.63 -13.83 -0.76
CA ALA B 176 -18.58 -13.28 0.12
C ALA B 176 -19.12 -11.98 0.74
N THR B 177 -18.94 -11.81 2.05
CA THR B 177 -19.39 -10.57 2.69
C THR B 177 -18.48 -10.20 3.85
N LEU B 178 -18.28 -8.90 4.15
CA LEU B 178 -17.38 -8.57 5.24
C LEU B 178 -17.92 -8.88 6.61
N VAL B 179 -19.25 -8.70 6.77
CA VAL B 179 -19.91 -8.85 8.09
C VAL B 179 -21.27 -9.54 7.97
N GLU B 180 -21.50 -10.45 8.91
CA GLU B 180 -22.86 -11.08 9.03
C GLU B 180 -23.36 -10.87 10.41
N LYS B 181 -24.58 -10.33 10.62
CA LYS B 181 -25.16 -10.09 11.92
C LYS B 181 -25.86 -11.35 12.48
N ARG B 182 -25.74 -11.57 13.77
CA ARG B 182 -26.39 -12.74 14.36
C ARG B 182 -27.88 -12.41 14.61
N THR B 183 -28.67 -13.41 14.17
CA THR B 183 -30.12 -13.30 14.31
C THR B 183 -30.74 -14.59 14.79
N ASP B 184 -31.92 -14.52 15.39
CA ASP B 184 -32.64 -15.71 15.85
C ASP B 184 -33.60 -16.18 14.75
N ARG B 185 -33.68 -15.42 13.67
CA ARG B 185 -34.51 -15.76 12.53
C ARG B 185 -34.08 -17.16 12.08
N SER B 186 -35.06 -18.03 11.84
CA SER B 186 -34.76 -19.38 11.39
C SER B 186 -34.50 -19.40 9.88
N ASN B 187 -33.54 -20.20 9.45
CA ASN B 187 -33.16 -20.34 8.05
C ASN B 187 -32.78 -19.01 7.38
N SER B 188 -32.05 -18.16 8.09
CA SER B 188 -31.64 -16.88 7.49
C SER B 188 -30.46 -17.16 6.55
N LEU B 189 -30.33 -16.34 5.50
CA LEU B 189 -29.22 -16.47 4.57
C LEU B 189 -27.87 -16.28 5.25
N LYS B 190 -26.91 -17.11 4.89
CA LYS B 190 -25.55 -17.07 5.41
C LYS B 190 -24.57 -16.96 4.24
N GLY B 191 -23.40 -16.31 4.43
CA GLY B 191 -22.42 -16.29 3.33
C GLY B 191 -21.46 -17.51 3.41
N ASP B 192 -20.68 -17.61 2.34
CA ASP B 192 -19.67 -18.69 2.28
C ASP B 192 -18.30 -18.19 2.73
N PHE B 193 -17.90 -16.99 2.41
CA PHE B 193 -16.66 -16.35 2.82
C PHE B 193 -17.06 -15.08 3.59
N VAL B 194 -17.07 -15.18 4.92
CA VAL B 194 -17.50 -14.08 5.80
C VAL B 194 -16.36 -13.60 6.71
N GLY B 195 -16.20 -12.29 6.74
CA GLY B 195 -15.14 -11.65 7.53
C GLY B 195 -15.39 -11.77 9.05
N PHE B 196 -16.50 -11.22 9.50
CA PHE B 196 -16.82 -11.19 10.93
C PHE B 196 -18.27 -11.57 11.25
N SER B 197 -18.48 -12.21 12.41
CA SER B 197 -19.82 -12.42 12.96
C SER B 197 -20.03 -11.42 14.08
N ILE B 198 -21.05 -10.53 13.97
CA ILE B 198 -21.28 -9.55 15.05
C ILE B 198 -22.71 -9.60 15.62
N GLU B 199 -22.88 -8.94 16.74
CA GLU B 199 -24.22 -8.77 17.36
C GLU B 199 -25.10 -8.00 16.36
N ASP B 200 -26.43 -8.12 16.51
CA ASP B 200 -27.36 -7.43 15.59
C ASP B 200 -27.49 -5.94 15.94
N VAL B 201 -26.56 -5.15 15.42
CA VAL B 201 -26.43 -3.71 15.61
C VAL B 201 -26.15 -3.02 14.30
N TRP B 202 -26.44 -1.70 14.21
CA TRP B 202 -26.24 -0.97 12.95
C TRP B 202 -24.88 -0.29 12.97
N ILE B 203 -24.06 -0.58 11.97
CA ILE B 203 -22.67 -0.09 11.96
C ILE B 203 -22.37 0.94 10.90
N VAL B 204 -21.31 1.74 11.15
CA VAL B 204 -20.81 2.80 10.28
C VAL B 204 -19.26 2.74 10.25
N GLY B 205 -18.67 3.39 9.22
CA GLY B 205 -17.18 3.43 9.10
C GLY B 205 -16.74 2.47 7.99
N CYS B 206 -15.53 2.68 7.45
CA CYS B 206 -15.01 1.87 6.33
C CYS B 206 -15.98 1.84 5.16
N CYS B 207 -16.55 0.66 4.78
CA CYS B 207 -17.49 0.65 3.69
C CYS B 207 -18.91 1.11 4.07
N TYR B 208 -19.14 1.32 5.36
CA TYR B 208 -20.45 1.66 5.89
C TYR B 208 -20.61 3.16 6.16
N ASP B 209 -21.82 3.72 6.11
CA ASP B 209 -21.98 5.16 6.44
C ASP B 209 -23.43 5.43 6.85
N PHE B 210 -23.73 6.65 7.23
CA PHE B 210 -25.05 7.09 7.70
C PHE B 210 -25.10 8.59 7.41
N ASN B 211 -25.84 8.92 6.36
CA ASN B 211 -25.97 10.31 5.91
C ASN B 211 -24.66 11.05 5.75
N GLU B 212 -23.64 10.38 5.19
CA GLU B 212 -22.33 10.96 4.92
C GLU B 212 -21.55 11.41 6.13
N MET B 213 -22.00 11.18 7.35
CA MET B 213 -21.35 11.58 8.60
C MET B 213 -19.98 10.94 8.85
N PHE B 214 -19.80 9.73 8.32
CA PHE B 214 -18.59 8.95 8.56
C PHE B 214 -17.82 8.64 7.30
N ARG B 215 -17.92 9.54 6.33
CA ARG B 215 -17.38 9.42 4.99
C ARG B 215 -15.86 9.25 4.92
N ASP B 216 -15.16 9.71 5.96
CA ASP B 216 -13.70 9.58 6.04
C ASP B 216 -13.27 8.79 7.27
N PHE B 217 -14.18 8.09 7.94
CA PHE B 217 -13.89 7.30 9.14
C PHE B 217 -13.41 5.91 8.75
N ASP B 218 -12.14 5.57 9.00
CA ASP B 218 -11.54 4.34 8.54
C ASP B 218 -11.51 3.18 9.51
N HIS B 219 -12.44 3.12 10.42
CA HIS B 219 -12.60 2.04 11.37
C HIS B 219 -14.13 1.70 11.42
N VAL B 220 -14.53 0.57 11.96
CA VAL B 220 -16.00 0.32 12.01
C VAL B 220 -16.45 0.53 13.46
N ALA B 221 -17.64 1.16 13.65
CA ALA B 221 -18.25 1.37 14.95
C ALA B 221 -19.78 1.24 14.93
N VAL B 222 -20.37 1.14 16.09
CA VAL B 222 -21.86 1.10 16.13
C VAL B 222 -22.42 2.53 16.04
N LEU B 223 -23.44 2.76 15.23
CA LEU B 223 -24.06 4.09 15.09
C LEU B 223 -24.56 4.57 16.45
N SER B 224 -24.06 5.71 16.92
CA SER B 224 -24.45 6.18 18.25
C SER B 224 -25.75 6.99 18.28
N ASP B 225 -26.30 7.18 19.47
CA ASP B 225 -27.48 8.05 19.65
C ASP B 225 -27.19 9.49 19.27
N ALA B 226 -26.01 10.03 19.64
CA ALA B 226 -25.70 11.41 19.27
C ALA B 226 -25.74 11.62 17.77
N ALA B 227 -25.21 10.65 16.99
CA ALA B 227 -25.25 10.73 15.54
C ALA B 227 -26.70 10.56 15.04
N ARG B 228 -27.46 9.64 15.63
CA ARG B 228 -28.86 9.50 15.21
C ARG B 228 -29.60 10.83 15.49
N LYS B 229 -29.38 11.42 16.67
CA LYS B 229 -29.95 12.69 17.09
C LYS B 229 -29.58 13.87 16.22
N LYS B 230 -28.39 13.94 15.64
CA LYS B 230 -27.95 15.00 14.75
C LYS B 230 -28.85 15.17 13.53
N PHE B 231 -29.63 14.17 13.15
CA PHE B 231 -30.57 14.20 12.06
C PHE B 231 -32.02 14.35 12.54
N GLY C 1 18.32 -17.80 -21.47
CA GLY C 1 16.89 -17.73 -21.05
C GLY C 1 16.64 -18.70 -19.90
N SER C 2 17.45 -18.69 -18.87
CA SER C 2 17.25 -19.60 -17.74
C SER C 2 16.78 -18.96 -16.44
N HIS C 3 16.04 -19.73 -15.64
CA HIS C 3 15.58 -19.32 -14.30
C HIS C 3 15.89 -20.48 -13.32
N MET C 4 17.19 -20.75 -13.12
CA MET C 4 17.60 -21.85 -12.23
C MET C 4 18.74 -21.45 -11.30
N ALA C 5 18.68 -22.01 -10.07
CA ALA C 5 19.57 -21.60 -9.00
C ALA C 5 21.04 -21.95 -9.15
N SER C 6 21.26 -23.18 -9.59
CA SER C 6 22.65 -23.62 -9.78
C SER C 6 23.36 -22.72 -10.77
N LYS C 7 24.60 -22.37 -10.50
CA LYS C 7 25.42 -21.52 -11.37
C LYS C 7 26.87 -21.66 -10.92
N PRO C 8 27.83 -21.81 -11.84
CA PRO C 8 29.22 -21.91 -11.47
C PRO C 8 29.72 -20.69 -10.71
N ILE C 9 30.54 -20.92 -9.68
CA ILE C 9 31.05 -19.77 -8.88
C ILE C 9 31.91 -18.83 -9.72
N GLU C 10 32.69 -19.38 -10.68
CA GLU C 10 33.59 -18.56 -11.51
C GLU C 10 32.89 -17.58 -12.40
N ASP C 11 31.57 -17.69 -12.59
CA ASP C 11 30.77 -16.74 -13.31
C ASP C 11 30.39 -15.51 -12.49
N TYR C 12 30.73 -15.47 -11.21
CA TYR C 12 30.44 -14.30 -10.37
C TYR C 12 30.97 -13.02 -10.98
N GLY C 13 30.15 -11.98 -11.08
CA GLY C 13 30.53 -10.69 -11.61
C GLY C 13 30.56 -10.58 -13.12
N LYS C 14 30.27 -11.61 -13.85
CA LYS C 14 30.25 -11.61 -15.30
C LYS C 14 28.89 -11.26 -15.90
N GLY C 15 27.82 -11.38 -15.10
CA GLY C 15 26.46 -11.13 -15.61
C GLY C 15 26.07 -12.11 -16.71
N LYS C 16 26.57 -13.34 -16.68
CA LYS C 16 26.29 -14.32 -17.71
C LYS C 16 24.86 -14.86 -17.58
N GLY C 17 24.14 -14.84 -18.68
CA GLY C 17 22.79 -15.37 -18.77
C GLY C 17 21.75 -14.44 -18.15
N ARG C 18 22.15 -13.20 -17.83
CA ARG C 18 21.17 -12.28 -17.25
C ARG C 18 20.16 -11.69 -18.22
N ILE C 19 19.08 -11.17 -17.65
CA ILE C 19 18.08 -10.39 -18.38
C ILE C 19 18.63 -8.96 -18.34
N GLU C 20 18.93 -8.33 -19.48
CA GLU C 20 19.48 -6.98 -19.46
C GLU C 20 18.59 -5.97 -18.75
N PRO C 21 19.22 -5.00 -18.08
CA PRO C 21 18.50 -3.95 -17.37
C PRO C 21 17.82 -2.95 -18.30
N MET C 22 16.85 -2.19 -17.74
CA MET C 22 16.28 -1.10 -18.54
C MET C 22 17.37 -0.14 -18.96
N TYR C 23 17.47 0.16 -20.28
CA TYR C 23 18.51 1.08 -20.75
C TYR C 23 18.07 2.52 -20.77
N ILE C 24 18.71 3.42 -20.03
CA ILE C 24 18.41 4.84 -20.03
C ILE C 24 19.50 5.52 -20.89
N PRO C 25 19.14 6.00 -22.10
CA PRO C 25 20.12 6.64 -22.96
C PRO C 25 20.73 7.89 -22.37
N ASP C 26 21.92 8.26 -22.86
CA ASP C 26 22.59 9.46 -22.41
C ASP C 26 21.66 10.68 -22.56
N ASN C 27 21.85 11.64 -21.66
CA ASN C 27 21.11 12.90 -21.69
C ASN C 27 19.60 12.78 -21.83
N THR C 28 18.97 11.87 -21.06
CA THR C 28 17.51 11.71 -21.13
C THR C 28 16.92 11.85 -19.73
N PHE C 29 16.03 12.83 -19.57
CA PHE C 29 15.47 13.25 -18.30
C PHE C 29 13.98 13.57 -18.41
N TYR C 30 13.33 13.70 -17.24
CA TYR C 30 11.95 14.08 -17.09
C TYR C 30 11.82 15.47 -16.47
N ASN C 31 10.71 16.16 -16.73
CA ASN C 31 10.51 17.48 -16.13
C ASN C 31 10.18 17.37 -14.65
N ALA C 32 10.97 18.04 -13.78
CA ALA C 32 10.77 17.96 -12.35
C ALA C 32 9.45 18.55 -11.86
N ASP C 33 8.88 19.49 -12.64
CA ASP C 33 7.60 20.10 -12.34
C ASP C 33 6.41 19.15 -12.45
N ASP C 34 6.57 18.00 -13.11
CA ASP C 34 5.50 17.02 -13.25
C ASP C 34 5.41 16.08 -12.05
N PHE C 35 6.28 16.22 -11.05
CA PHE C 35 6.34 15.31 -9.90
C PHE C 35 6.31 16.03 -8.57
N LEU C 36 5.94 15.36 -7.50
CA LEU C 36 6.02 15.94 -6.14
C LEU C 36 7.47 15.93 -5.64
N VAL C 37 8.07 17.06 -5.35
CA VAL C 37 9.45 17.27 -4.92
C VAL C 37 9.42 18.09 -3.63
N PRO C 38 10.21 17.75 -2.62
CA PRO C 38 10.19 18.51 -1.37
C PRO C 38 10.63 19.93 -1.64
N PRO C 39 9.93 20.92 -1.11
CA PRO C 39 10.31 22.31 -1.33
C PRO C 39 11.77 22.61 -1.04
N HIS C 40 12.37 22.10 0.05
CA HIS C 40 13.78 22.41 0.32
C HIS C 40 14.75 21.84 -0.72
N CYS C 41 14.37 20.82 -1.47
CA CYS C 41 15.18 20.24 -2.51
C CYS C 41 15.07 20.94 -3.86
N LYS C 42 13.94 21.56 -4.12
CA LYS C 42 13.64 22.14 -5.42
C LYS C 42 14.72 22.96 -6.06
N PRO C 43 15.39 23.87 -5.35
CA PRO C 43 16.44 24.70 -5.93
C PRO C 43 17.66 23.93 -6.42
N TYR C 44 17.88 22.70 -5.96
CA TYR C 44 19.00 21.86 -6.31
C TYR C 44 18.65 20.81 -7.35
N ILE C 45 17.40 20.70 -7.77
CA ILE C 45 16.96 19.69 -8.73
C ILE C 45 16.52 20.36 -10.03
N ASP C 46 17.39 20.16 -11.01
CA ASP C 46 17.20 20.71 -12.35
C ASP C 46 16.18 19.95 -13.18
N LYS C 47 16.22 18.63 -13.12
CA LYS C 47 15.40 17.68 -13.84
C LYS C 47 15.43 16.31 -13.14
N ILE C 48 14.53 15.40 -13.52
CA ILE C 48 14.57 14.07 -12.81
C ILE C 48 15.11 13.01 -13.75
N LEU C 49 15.91 12.06 -13.26
CA LEU C 49 16.42 10.96 -14.05
C LEU C 49 15.47 9.77 -14.02
N LEU C 50 15.11 9.34 -12.80
CA LEU C 50 14.16 8.22 -12.69
C LEU C 50 13.05 8.53 -11.68
N PRO C 51 11.79 8.59 -12.10
CA PRO C 51 10.67 8.76 -11.22
C PRO C 51 10.60 7.60 -10.23
N GLY C 52 10.20 7.89 -8.99
CA GLY C 52 10.10 6.86 -7.97
C GLY C 52 9.23 5.70 -8.38
N GLY C 53 8.13 5.99 -9.11
CA GLY C 53 7.24 4.91 -9.53
C GLY C 53 7.86 4.01 -10.58
N LEU C 54 8.70 4.49 -11.44
CA LEU C 54 9.44 3.73 -12.44
C LEU C 54 10.44 2.85 -11.70
N VAL C 55 11.11 3.37 -10.67
CA VAL C 55 11.96 2.55 -9.82
C VAL C 55 11.17 1.39 -9.23
N LYS C 56 9.99 1.65 -8.65
CA LYS C 56 9.18 0.57 -8.06
C LYS C 56 8.76 -0.50 -9.07
N ASP C 57 8.35 -0.11 -10.28
CA ASP C 57 8.02 -1.10 -11.30
C ASP C 57 9.21 -1.97 -11.70
N ARG C 58 10.42 -1.36 -11.76
CA ARG C 58 11.59 -2.21 -12.06
C ARG C 58 11.98 -3.14 -10.91
N VAL C 59 11.86 -2.66 -9.67
CA VAL C 59 12.13 -3.55 -8.52
C VAL C 59 11.14 -4.70 -8.48
N GLU C 60 9.85 -4.41 -8.75
CA GLU C 60 8.88 -5.53 -8.78
C GLU C 60 9.27 -6.61 -9.80
N LYS C 61 9.69 -6.20 -11.02
CA LYS C 61 10.13 -7.15 -12.05
C LYS C 61 11.39 -7.92 -11.65
N LEU C 62 12.36 -7.25 -11.03
CA LEU C 62 13.56 -7.94 -10.53
C LEU C 62 13.17 -8.97 -9.47
N ALA C 63 12.23 -8.58 -8.57
CA ALA C 63 11.78 -9.52 -7.52
C ALA C 63 11.15 -10.78 -8.14
N TYR C 64 10.34 -10.61 -9.19
CA TYR C 64 9.70 -11.70 -9.91
C TYR C 64 10.78 -12.57 -10.56
N ASP C 65 11.77 -11.97 -11.16
CA ASP C 65 12.88 -12.70 -11.79
C ASP C 65 13.65 -13.52 -10.75
N ILE C 66 13.92 -12.95 -9.61
CA ILE C 66 14.63 -13.58 -8.50
C ILE C 66 13.82 -14.77 -7.96
N HIS C 67 12.52 -14.59 -7.72
CA HIS C 67 11.66 -15.65 -7.23
C HIS C 67 11.68 -16.82 -8.20
N ARG C 68 11.58 -16.62 -9.51
CA ARG C 68 11.66 -17.76 -10.43
C ARG C 68 13.02 -18.50 -10.42
N THR C 69 14.10 -17.72 -10.40
CA THR C 69 15.43 -18.35 -10.35
C THR C 69 15.59 -19.29 -9.16
N TYR C 70 15.18 -18.93 -7.95
CA TYR C 70 15.38 -19.76 -6.77
C TYR C 70 14.17 -20.55 -6.28
N PHE C 71 13.14 -20.65 -7.11
CA PHE C 71 11.91 -21.33 -6.73
C PHE C 71 12.15 -22.77 -6.28
N GLY C 72 11.70 -23.07 -5.07
CA GLY C 72 11.85 -24.36 -4.43
C GLY C 72 13.15 -24.48 -3.65
N GLU C 73 14.08 -23.54 -3.80
CA GLU C 73 15.36 -23.60 -3.12
C GLU C 73 15.42 -22.68 -1.90
N GLU C 74 16.31 -23.02 -0.97
CA GLU C 74 16.60 -22.15 0.17
C GLU C 74 17.49 -21.02 -0.32
N LEU C 75 17.17 -19.76 -0.08
CA LEU C 75 17.89 -18.59 -0.53
C LEU C 75 18.34 -17.71 0.62
N HIS C 76 19.65 -17.32 0.62
CA HIS C 76 20.21 -16.40 1.61
C HIS C 76 20.55 -15.06 0.97
N ILE C 77 19.93 -13.98 1.42
CA ILE C 77 20.10 -12.66 0.77
C ILE C 77 20.94 -11.78 1.69
N ILE C 78 22.07 -11.24 1.16
CA ILE C 78 22.96 -10.41 1.93
C ILE C 78 22.77 -8.93 1.61
N CYS C 79 22.49 -8.09 2.61
CA CYS C 79 22.44 -6.64 2.40
C CYS C 79 23.80 -6.08 2.79
N ILE C 80 24.57 -5.62 1.80
CA ILE C 80 25.87 -5.03 2.01
C ILE C 80 25.62 -3.72 2.75
N LEU C 81 26.28 -3.53 3.90
CA LEU C 81 26.10 -2.32 4.68
C LEU C 81 26.95 -1.19 4.13
N LYS C 82 26.73 -0.85 2.86
CA LYS C 82 27.43 0.21 2.17
C LYS C 82 26.38 1.15 1.59
N GLY C 83 26.37 2.40 2.08
CA GLY C 83 25.35 3.35 1.63
C GLY C 83 24.01 3.05 2.32
N SER C 84 22.95 3.38 1.60
CA SER C 84 21.59 3.21 2.09
C SER C 84 21.02 1.80 1.96
N ARG C 85 20.14 1.43 2.90
CA ARG C 85 19.47 0.13 2.82
C ARG C 85 18.17 0.25 2.01
N GLY C 86 17.90 1.44 1.46
CA GLY C 86 16.66 1.68 0.72
C GLY C 86 16.38 0.64 -0.35
N PHE C 87 17.38 0.36 -1.23
CA PHE C 87 17.11 -0.61 -2.32
C PHE C 87 16.85 -2.00 -1.74
N PHE C 88 17.67 -2.44 -0.78
CA PHE C 88 17.44 -3.76 -0.15
C PHE C 88 16.04 -3.84 0.45
N ASN C 89 15.64 -2.77 1.16
CA ASN C 89 14.29 -2.82 1.79
C ASN C 89 13.17 -2.93 0.80
N LEU C 90 13.29 -2.17 -0.31
CA LEU C 90 12.22 -2.25 -1.33
C LEU C 90 12.18 -3.62 -1.99
N LEU C 91 13.36 -4.16 -2.33
CA LEU C 91 13.46 -5.49 -2.94
C LEU C 91 12.90 -6.59 -2.05
N ILE C 92 13.28 -6.59 -0.79
CA ILE C 92 12.71 -7.55 0.18
C ILE C 92 11.20 -7.39 0.32
N ASP C 93 10.72 -6.15 0.34
CA ASP C 93 9.24 -5.98 0.40
C ASP C 93 8.51 -6.72 -0.71
N TYR C 94 8.96 -6.57 -1.98
CA TYR C 94 8.31 -7.28 -3.07
C TYR C 94 8.52 -8.77 -3.02
N LEU C 95 9.75 -9.22 -2.61
CA LEU C 95 10.01 -10.65 -2.54
C LEU C 95 9.12 -11.31 -1.45
N ALA C 96 8.87 -10.58 -0.37
CA ALA C 96 8.05 -11.10 0.73
C ALA C 96 6.58 -11.23 0.32
N THR C 97 6.11 -10.27 -0.47
CA THR C 97 4.69 -10.39 -0.91
C THR C 97 4.50 -11.51 -1.90
N ILE C 98 5.48 -11.70 -2.83
CA ILE C 98 5.43 -12.82 -3.75
C ILE C 98 5.47 -14.17 -3.01
N GLN C 99 6.38 -14.24 -2.01
CA GLN C 99 6.51 -15.46 -1.18
C GLN C 99 5.24 -15.81 -0.41
N LYS C 100 4.57 -14.78 0.13
CA LYS C 100 3.36 -14.98 0.93
C LYS C 100 2.21 -15.47 0.08
N TYR C 101 2.15 -15.04 -1.18
CA TYR C 101 1.00 -15.41 -2.00
C TYR C 101 1.33 -16.43 -3.06
N SER C 102 2.53 -17.00 -3.10
CA SER C 102 2.92 -17.93 -4.14
C SER C 102 2.54 -19.36 -3.85
N GLY C 103 3.44 -20.32 -3.92
CA GLY C 103 3.14 -21.72 -3.75
C GLY C 103 2.97 -22.36 -2.41
N ARG C 104 1.75 -22.42 -1.85
CA ARG C 104 1.47 -23.13 -0.61
C ARG C 104 1.27 -24.60 -0.95
N GLU C 105 2.34 -25.20 -1.45
CA GLU C 105 2.45 -26.54 -1.96
C GLU C 105 3.62 -27.26 -1.31
N SER C 106 3.93 -26.87 -0.08
CA SER C 106 4.95 -27.44 0.77
C SER C 106 6.40 -27.02 0.59
N SER C 107 7.18 -27.46 1.58
CA SER C 107 8.62 -27.35 1.72
C SER C 107 9.28 -26.00 1.57
N VAL C 108 10.05 -25.80 0.52
CA VAL C 108 10.79 -24.57 0.25
C VAL C 108 10.79 -23.62 1.44
N PRO C 109 11.87 -23.65 2.20
CA PRO C 109 12.01 -22.74 3.32
C PRO C 109 11.96 -21.33 2.76
N PRO C 110 11.29 -20.39 3.44
CA PRO C 110 11.26 -19.01 3.01
C PRO C 110 12.67 -18.42 3.02
N PHE C 111 12.93 -17.33 2.31
CA PHE C 111 14.28 -16.76 2.25
C PHE C 111 14.77 -16.22 3.58
N PHE C 112 16.11 -16.11 3.72
CA PHE C 112 16.78 -15.55 4.87
C PHE C 112 17.43 -14.20 4.56
N GLU C 113 17.44 -13.28 5.54
CA GLU C 113 18.04 -11.98 5.37
C GLU C 113 19.27 -11.85 6.24
N HIS C 114 20.35 -11.28 5.74
CA HIS C 114 21.59 -11.13 6.48
C HIS C 114 22.20 -9.75 6.21
N TYR C 115 22.84 -9.16 7.20
CA TYR C 115 23.47 -7.84 7.08
C TYR C 115 24.97 -7.96 7.29
N VAL C 116 25.79 -7.54 6.34
CA VAL C 116 27.24 -7.71 6.41
C VAL C 116 27.92 -6.33 6.38
N ARG C 117 28.99 -6.21 7.16
CA ARG C 117 29.73 -4.94 7.38
C ARG C 117 30.58 -4.49 6.16
N LEU C 118 31.78 -5.05 6.05
CA LEU C 118 32.78 -4.68 5.01
C LEU C 118 34.00 -4.13 5.79
N ASP C 136 31.29 -12.90 10.50
CA ASP C 136 32.16 -13.65 9.59
C ASP C 136 31.30 -14.63 8.81
N LEU C 137 31.71 -14.98 7.60
CA LEU C 137 30.99 -15.68 6.56
C LEU C 137 30.74 -17.15 6.52
N SER C 138 31.10 -17.93 7.55
CA SER C 138 30.96 -19.36 7.59
C SER C 138 29.54 -19.87 7.38
N ILE C 139 28.55 -19.09 7.73
CA ILE C 139 27.15 -19.51 7.60
C ILE C 139 26.72 -19.70 6.13
N PHE C 140 27.50 -19.19 5.18
CA PHE C 140 27.13 -19.26 3.74
C PHE C 140 27.71 -20.46 3.04
N ARG C 141 28.48 -21.33 3.74
CA ARG C 141 28.99 -22.55 3.13
C ARG C 141 27.83 -23.41 2.63
N ASP C 142 27.94 -23.91 1.40
CA ASP C 142 26.96 -24.69 0.71
C ASP C 142 25.57 -24.01 0.59
N LYS C 143 25.53 -22.68 0.55
CA LYS C 143 24.19 -22.04 0.44
C LYS C 143 24.06 -21.33 -0.90
N HIS C 144 22.82 -21.05 -1.33
CA HIS C 144 22.56 -20.19 -2.48
C HIS C 144 22.57 -18.75 -1.96
N VAL C 145 23.47 -17.89 -2.49
CA VAL C 145 23.60 -16.53 -1.95
C VAL C 145 23.33 -15.43 -2.97
N LEU C 146 22.56 -14.42 -2.58
CA LEU C 146 22.28 -13.27 -3.45
C LEU C 146 22.80 -12.04 -2.71
N ILE C 147 23.75 -11.29 -3.29
CA ILE C 147 24.37 -10.13 -2.66
C ILE C 147 23.71 -8.85 -3.20
N VAL C 148 23.23 -8.00 -2.30
CA VAL C 148 22.48 -6.81 -2.75
C VAL C 148 23.23 -5.53 -2.47
N GLU C 149 23.39 -4.68 -3.51
CA GLU C 149 24.10 -3.43 -3.37
C GLU C 149 23.31 -2.28 -4.01
N ASP C 150 23.26 -1.11 -3.36
CA ASP C 150 22.51 0.00 -3.92
C ASP C 150 22.80 0.34 -5.38
N ILE C 151 24.08 0.50 -5.72
CA ILE C 151 24.55 0.79 -7.06
C ILE C 151 25.97 0.25 -7.27
N VAL C 152 26.24 -0.05 -8.54
CA VAL C 152 27.58 -0.49 -8.96
C VAL C 152 28.23 0.64 -9.78
N ASP C 153 29.40 1.11 -9.31
CA ASP C 153 30.12 2.18 -10.02
C ASP C 153 31.43 1.61 -10.58
N THR C 154 32.44 1.46 -9.75
CA THR C 154 33.70 0.87 -10.17
C THR C 154 33.66 -0.67 -10.10
N GLY C 155 32.79 -1.18 -9.21
CA GLY C 155 32.75 -2.66 -9.07
C GLY C 155 33.74 -3.17 -8.04
N PHE C 156 34.51 -2.25 -7.44
CA PHE C 156 35.53 -2.64 -6.47
C PHE C 156 34.99 -3.21 -5.18
N THR C 157 33.92 -2.64 -4.63
CA THR C 157 33.32 -3.22 -3.44
C THR C 157 32.95 -4.67 -3.68
N LEU C 158 32.17 -4.99 -4.74
CA LEU C 158 31.74 -6.37 -4.94
C LEU C 158 32.85 -7.35 -5.38
N THR C 159 33.90 -6.84 -6.05
CA THR C 159 35.03 -7.72 -6.41
C THR C 159 35.75 -8.16 -5.13
N GLU C 160 36.08 -7.20 -4.25
CA GLU C 160 36.74 -7.57 -3.00
C GLU C 160 35.91 -8.50 -2.10
N PHE C 161 34.62 -8.15 -1.89
CA PHE C 161 33.80 -8.98 -1.02
C PHE C 161 33.59 -10.36 -1.65
N GLY C 162 33.44 -10.39 -2.98
CA GLY C 162 33.22 -11.70 -3.61
C GLY C 162 34.37 -12.68 -3.38
N GLU C 163 35.63 -12.19 -3.39
CA GLU C 163 36.73 -13.13 -3.15
C GLU C 163 36.71 -13.68 -1.73
N ARG C 164 36.26 -12.89 -0.77
CA ARG C 164 36.16 -13.41 0.60
C ARG C 164 35.03 -14.43 0.75
N LEU C 165 33.89 -14.19 0.07
CA LEU C 165 32.79 -15.16 0.12
C LEU C 165 33.08 -16.44 -0.57
N LYS C 166 33.82 -16.43 -1.69
CA LYS C 166 34.18 -17.66 -2.42
C LYS C 166 35.00 -18.59 -1.53
N ALA C 167 35.79 -18.05 -0.65
CA ALA C 167 36.62 -18.83 0.28
C ALA C 167 35.85 -19.77 1.18
N VAL C 168 34.57 -19.47 1.53
CA VAL C 168 33.81 -20.32 2.42
C VAL C 168 33.05 -21.40 1.65
N GLY C 169 33.08 -21.41 0.34
CA GLY C 169 32.47 -22.38 -0.50
C GLY C 169 30.96 -22.41 -0.61
N PRO C 170 30.36 -21.29 -1.02
CA PRO C 170 28.91 -21.27 -1.20
C PRO C 170 28.49 -22.11 -2.39
N LYS C 171 27.20 -22.46 -2.47
CA LYS C 171 26.70 -23.27 -3.61
C LYS C 171 26.60 -22.42 -4.86
N SER C 172 26.16 -21.16 -4.71
CA SER C 172 26.01 -20.23 -5.83
C SER C 172 26.07 -18.78 -5.34
N MET C 173 26.51 -17.87 -6.22
CA MET C 173 26.68 -16.46 -5.85
C MET C 173 26.20 -15.57 -6.98
N ARG C 174 25.21 -14.72 -6.69
CA ARG C 174 24.69 -13.78 -7.67
C ARG C 174 24.61 -12.39 -7.05
N ILE C 175 24.46 -11.36 -7.89
CA ILE C 175 24.38 -9.97 -7.44
C ILE C 175 23.10 -9.29 -7.96
N ALA C 176 22.52 -8.48 -7.09
CA ALA C 176 21.36 -7.64 -7.43
C ALA C 176 21.71 -6.19 -7.09
N THR C 177 21.46 -5.29 -8.03
CA THR C 177 21.72 -3.85 -7.81
C THR C 177 20.70 -3.05 -8.60
N LEU C 178 20.33 -1.91 -8.06
CA LEU C 178 19.32 -1.07 -8.69
C LEU C 178 19.85 -0.43 -9.97
N VAL C 179 21.08 0.05 -9.94
CA VAL C 179 21.66 0.76 -11.09
C VAL C 179 23.11 0.34 -11.36
N GLU C 180 23.45 0.31 -12.65
CA GLU C 180 24.87 0.10 -13.05
C GLU C 180 25.22 1.30 -13.94
N LYS C 181 26.44 1.80 -13.81
CA LYS C 181 26.86 2.93 -14.63
C LYS C 181 27.77 2.46 -15.77
N ARG C 182 27.61 3.11 -16.90
CA ARG C 182 28.46 2.84 -18.06
C ARG C 182 29.72 3.70 -17.92
N THR C 183 30.69 3.15 -17.19
CA THR C 183 31.98 3.81 -16.87
C THR C 183 33.00 3.56 -17.98
N ASP C 184 34.15 4.21 -17.86
CA ASP C 184 35.16 4.14 -18.91
C ASP C 184 35.98 2.87 -18.92
N ARG C 185 35.51 1.90 -19.70
CA ARG C 185 36.16 0.61 -19.87
C ARG C 185 36.56 0.02 -18.51
N SER C 188 34.89 -5.57 -16.58
CA SER C 188 34.63 -5.04 -15.24
C SER C 188 33.32 -5.62 -14.70
N LEU C 189 33.18 -5.72 -13.40
CA LEU C 189 32.05 -6.34 -12.72
C LEU C 189 30.66 -5.95 -13.20
N LYS C 190 29.75 -6.92 -13.34
CA LYS C 190 28.36 -6.65 -13.75
C LYS C 190 27.42 -7.46 -12.84
N GLY C 191 26.23 -6.94 -12.54
CA GLY C 191 25.30 -7.75 -11.71
C GLY C 191 24.46 -8.72 -12.52
N ASP C 192 23.69 -9.57 -11.84
CA ASP C 192 22.82 -10.58 -12.42
C ASP C 192 21.36 -10.11 -12.49
N PHE C 193 20.95 -9.32 -11.48
CA PHE C 193 19.59 -8.76 -11.50
C PHE C 193 19.76 -7.25 -11.39
N VAL C 194 19.70 -6.53 -12.51
CA VAL C 194 19.96 -5.09 -12.48
C VAL C 194 18.80 -4.23 -12.96
N GLY C 195 18.50 -3.18 -12.19
CA GLY C 195 17.34 -2.35 -12.54
C GLY C 195 17.54 -1.52 -13.80
N PHE C 196 18.59 -0.69 -13.75
CA PHE C 196 18.81 0.26 -14.83
C PHE C 196 20.25 0.35 -15.26
N SER C 197 20.42 0.71 -16.54
CA SER C 197 21.77 1.04 -17.04
C SER C 197 21.77 2.54 -17.34
N ILE C 198 22.60 3.33 -16.70
CA ILE C 198 22.62 4.78 -16.88
C ILE C 198 24.03 5.25 -17.29
N GLU C 199 24.08 6.51 -17.72
CA GLU C 199 25.38 7.12 -18.05
C GLU C 199 26.19 7.46 -16.83
N ASP C 200 27.50 7.74 -16.98
CA ASP C 200 28.41 7.96 -15.87
C ASP C 200 28.18 9.27 -15.15
N VAL C 201 27.18 9.31 -14.25
CA VAL C 201 26.83 10.50 -13.48
C VAL C 201 26.62 10.13 -12.01
N TRP C 202 26.75 11.09 -11.10
CA TRP C 202 26.56 10.81 -9.67
C TRP C 202 25.08 11.10 -9.36
N ILE C 203 24.38 10.11 -8.82
CA ILE C 203 22.93 10.28 -8.55
C ILE C 203 22.53 10.36 -7.09
N VAL C 204 21.36 10.96 -6.79
CA VAL C 204 20.83 11.16 -5.46
C VAL C 204 19.28 10.98 -5.50
N GLY C 205 18.69 10.76 -4.32
CA GLY C 205 17.22 10.64 -4.24
C GLY C 205 16.78 9.16 -4.23
N CYS C 206 15.59 8.92 -3.70
CA CYS C 206 14.92 7.61 -3.65
C CYS C 206 15.67 6.61 -2.83
N CYS C 207 16.78 5.99 -3.25
CA CYS C 207 17.53 5.14 -2.34
C CYS C 207 19.01 5.59 -2.30
N TYR C 208 19.28 6.88 -2.61
CA TYR C 208 20.64 7.42 -2.64
C TYR C 208 20.64 8.83 -2.01
N ASP C 209 21.78 9.25 -1.44
CA ASP C 209 21.76 10.62 -0.87
C ASP C 209 23.17 11.23 -0.93
N PHE C 210 23.28 12.49 -0.54
CA PHE C 210 24.58 13.19 -0.50
C PHE C 210 24.50 14.18 0.66
N ASN C 211 25.23 13.90 1.74
CA ASN C 211 25.22 14.79 2.92
C ASN C 211 23.84 15.09 3.46
N GLU C 212 22.92 14.11 3.42
CA GLU C 212 21.54 14.21 3.88
C GLU C 212 20.65 15.22 3.15
N MET C 213 21.13 15.87 2.11
CA MET C 213 20.40 16.89 1.39
C MET C 213 19.10 16.43 0.71
N PHE C 214 19.05 15.16 0.32
CA PHE C 214 17.94 14.58 -0.42
C PHE C 214 17.25 13.44 0.34
N ARG C 215 17.31 13.53 1.67
CA ARG C 215 16.76 12.47 2.54
C ARG C 215 15.28 12.22 2.36
N ASP C 216 14.47 13.19 2.01
CA ASP C 216 13.01 12.97 1.81
C ASP C 216 12.59 13.08 0.35
N PHE C 217 13.52 13.03 -0.61
CA PHE C 217 13.25 13.13 -2.04
C PHE C 217 12.97 11.72 -2.59
N ASP C 218 11.77 11.50 -3.11
CA ASP C 218 11.38 10.18 -3.58
C ASP C 218 11.72 9.81 -5.01
N HIS C 219 12.42 10.63 -5.79
CA HIS C 219 12.75 10.32 -7.17
C HIS C 219 14.29 10.37 -7.34
N VAL C 220 14.81 9.81 -8.40
CA VAL C 220 16.28 9.90 -8.61
C VAL C 220 16.65 11.05 -9.55
N ALA C 221 17.67 11.84 -9.16
CA ALA C 221 18.21 12.89 -10.02
C ALA C 221 19.74 12.86 -10.00
N VAL C 222 20.32 13.64 -10.92
CA VAL C 222 21.77 13.85 -10.94
C VAL C 222 22.16 14.86 -9.89
N LEU C 223 23.23 14.68 -9.14
CA LEU C 223 23.72 15.61 -8.13
C LEU C 223 24.20 16.88 -8.83
N SER C 224 23.56 17.99 -8.54
CA SER C 224 23.98 19.24 -9.22
C SER C 224 25.24 19.82 -8.60
N ASP C 225 25.94 20.69 -9.37
CA ASP C 225 27.14 21.35 -8.79
C ASP C 225 26.80 22.28 -7.65
N ALA C 226 25.59 22.88 -7.68
CA ALA C 226 25.17 23.72 -6.55
C ALA C 226 25.09 22.87 -5.27
N ALA C 227 24.46 21.70 -5.40
CA ALA C 227 24.46 20.80 -4.24
C ALA C 227 25.88 20.36 -3.85
N ARG C 228 26.65 19.89 -4.82
CA ARG C 228 27.99 19.38 -4.53
C ARG C 228 28.84 20.41 -3.79
N LYS C 229 28.86 21.64 -4.30
CA LYS C 229 29.65 22.72 -3.73
C LYS C 229 29.19 23.17 -2.35
N LYS C 230 27.96 22.79 -1.94
CA LYS C 230 27.52 23.11 -0.59
C LYS C 230 28.36 22.35 0.42
N PHE C 231 28.97 21.22 0.07
CA PHE C 231 29.78 20.43 0.97
C PHE C 231 31.20 20.14 0.49
N GLU C 232 31.47 20.24 -0.80
CA GLU C 232 32.79 19.91 -1.36
C GLU C 232 33.35 21.13 -2.12
N MET D 4 5.67 22.07 21.80
CA MET D 4 5.60 20.83 22.55
C MET D 4 6.90 20.05 22.61
N ALA D 5 7.96 20.46 21.91
CA ALA D 5 9.18 19.66 21.89
C ALA D 5 10.10 19.76 23.10
N SER D 6 10.07 20.80 23.91
CA SER D 6 10.99 20.86 25.05
C SER D 6 10.50 19.93 26.18
N LYS D 7 11.46 19.34 26.87
CA LYS D 7 11.24 18.44 28.00
C LYS D 7 12.53 18.36 28.79
N PRO D 8 12.47 18.53 30.11
CA PRO D 8 13.67 18.44 30.95
C PRO D 8 14.34 17.09 30.74
N ILE D 9 15.66 17.05 30.67
CA ILE D 9 16.45 15.84 30.47
C ILE D 9 16.23 14.84 31.60
N GLU D 10 16.00 15.31 32.83
CA GLU D 10 15.73 14.46 33.99
C GLU D 10 14.43 13.69 33.89
N ASP D 11 13.55 14.00 32.95
CA ASP D 11 12.29 13.28 32.77
C ASP D 11 12.44 12.06 31.85
N TYR D 12 13.61 11.83 31.27
CA TYR D 12 13.85 10.67 30.42
C TYR D 12 13.60 9.35 31.14
N GLY D 13 12.79 8.47 30.50
CA GLY D 13 12.54 7.16 31.10
C GLY D 13 11.33 7.15 32.02
N LYS D 14 10.71 8.29 32.27
CA LYS D 14 9.57 8.37 33.18
C LYS D 14 8.25 8.25 32.45
N GLY D 15 8.23 8.50 31.13
CA GLY D 15 7.01 8.55 30.36
C GLY D 15 6.06 9.63 30.86
N LYS D 16 6.59 10.74 31.39
CA LYS D 16 5.79 11.81 31.97
C LYS D 16 5.01 12.57 30.95
N GLY D 17 3.68 12.63 31.14
CA GLY D 17 2.81 13.35 30.22
C GLY D 17 2.48 12.58 28.94
N ARG D 18 2.84 11.28 28.93
CA ARG D 18 2.61 10.49 27.73
C ARG D 18 1.15 10.09 27.54
N ILE D 19 0.85 9.67 26.29
CA ILE D 19 -0.51 9.18 26.00
C ILE D 19 -0.38 7.66 26.25
N GLU D 20 -1.17 7.10 27.16
CA GLU D 20 -0.99 5.67 27.46
C GLU D 20 -1.16 4.77 26.24
N PRO D 21 -0.41 3.66 26.22
CA PRO D 21 -0.47 2.69 25.14
C PRO D 21 -1.77 1.91 25.15
N MET D 22 -2.04 1.20 24.04
CA MET D 22 -3.18 0.31 24.04
C MET D 22 -2.94 -0.79 25.07
N TYR D 23 -3.91 -1.11 25.94
CA TYR D 23 -3.68 -2.13 26.97
C TYR D 23 -4.26 -3.49 26.57
N ILE D 24 -3.39 -4.49 26.51
CA ILE D 24 -3.80 -5.85 26.14
C ILE D 24 -3.84 -6.66 27.44
N PRO D 25 -5.02 -7.06 27.90
CA PRO D 25 -5.11 -7.74 29.19
C PRO D 25 -4.37 -9.05 29.24
N ASP D 26 -4.10 -9.61 30.41
CA ASP D 26 -3.40 -10.88 30.59
C ASP D 26 -4.12 -12.05 29.89
N ASN D 27 -3.28 -12.91 29.32
CA ASN D 27 -3.72 -14.10 28.60
C ASN D 27 -4.85 -13.86 27.64
N THR D 28 -4.79 -12.80 26.82
CA THR D 28 -5.81 -12.45 25.86
C THR D 28 -5.29 -12.58 24.43
N PHE D 29 -5.93 -13.35 23.54
CA PHE D 29 -5.43 -13.60 22.20
C PHE D 29 -6.53 -13.67 21.13
N TYR D 30 -6.07 -13.68 19.87
CA TYR D 30 -6.90 -13.90 18.71
C TYR D 30 -6.68 -15.31 18.17
N ASN D 31 -7.64 -15.92 17.47
CA ASN D 31 -7.42 -17.27 16.94
C ASN D 31 -6.56 -17.24 15.70
N ALA D 32 -5.44 -18.02 15.60
CA ALA D 32 -4.59 -17.99 14.42
C ALA D 32 -5.28 -18.42 13.09
N ASP D 33 -6.27 -19.29 13.22
CA ASP D 33 -7.06 -19.73 12.05
C ASP D 33 -7.77 -18.57 11.35
N ASP D 34 -7.99 -17.44 12.03
CA ASP D 34 -8.63 -16.31 11.35
C ASP D 34 -7.72 -15.44 10.51
N PHE D 35 -6.41 -15.66 10.44
CA PHE D 35 -5.43 -14.85 9.79
C PHE D 35 -4.56 -15.68 8.84
N LEU D 36 -3.96 -14.94 7.90
CA LEU D 36 -3.00 -15.61 7.01
C LEU D 36 -1.67 -15.87 7.73
N VAL D 37 -1.29 -17.15 7.88
CA VAL D 37 -0.02 -17.49 8.59
C VAL D 37 0.80 -18.35 7.63
N PRO D 38 2.12 -18.24 7.64
CA PRO D 38 2.96 -19.03 6.72
C PRO D 38 2.83 -20.50 7.03
N PRO D 39 2.80 -21.36 6.01
CA PRO D 39 2.65 -22.79 6.24
C PRO D 39 3.75 -23.35 7.14
N HIS D 40 4.99 -22.88 6.99
CA HIS D 40 6.01 -23.51 7.90
C HIS D 40 5.89 -23.09 9.35
N CYS D 41 5.21 -22.00 9.70
CA CYS D 41 4.99 -21.58 11.06
C CYS D 41 3.76 -22.18 11.69
N LYS D 42 2.77 -22.63 10.89
CA LYS D 42 1.55 -23.20 11.46
C LYS D 42 1.70 -24.23 12.54
N PRO D 43 2.64 -25.17 12.49
CA PRO D 43 2.84 -26.15 13.54
C PRO D 43 3.28 -25.57 14.86
N TYR D 44 3.79 -24.35 14.93
CA TYR D 44 4.26 -23.69 16.12
C TYR D 44 3.38 -22.54 16.62
N ILE D 45 2.31 -22.19 15.92
CA ILE D 45 1.43 -21.07 16.27
C ILE D 45 -0.03 -21.54 16.31
N ASP D 46 -0.75 -21.26 17.38
CA ASP D 46 -2.18 -21.57 17.43
C ASP D 46 -2.96 -20.33 17.81
N LYS D 47 -2.29 -19.38 18.47
CA LYS D 47 -2.97 -18.13 18.86
C LYS D 47 -2.09 -16.90 18.47
N ILE D 48 -2.73 -15.79 18.13
CA ILE D 48 -2.09 -14.52 17.74
C ILE D 48 -2.31 -13.48 18.85
N LEU D 49 -1.24 -12.80 19.28
CA LEU D 49 -1.33 -11.75 20.28
C LEU D 49 -1.75 -10.46 19.63
N LEU D 50 -0.92 -10.02 18.65
CA LEU D 50 -1.25 -8.76 17.96
C LEU D 50 -1.34 -8.98 16.45
N PRO D 51 -2.48 -8.88 15.79
CA PRO D 51 -2.57 -8.94 14.33
C PRO D 51 -1.69 -7.87 13.69
N GLY D 52 -1.08 -8.13 12.55
CA GLY D 52 -0.20 -7.19 11.81
C GLY D 52 -0.96 -5.86 11.51
N GLY D 53 -2.23 -6.03 11.12
CA GLY D 53 -3.09 -4.84 10.90
C GLY D 53 -3.29 -3.96 12.13
N LEU D 54 -3.44 -4.54 13.32
CA LEU D 54 -3.58 -3.76 14.55
C LEU D 54 -2.26 -3.07 14.89
N VAL D 55 -1.12 -3.76 14.61
CA VAL D 55 0.19 -3.13 14.78
C VAL D 55 0.27 -1.88 13.87
N LYS D 56 -0.16 -2.01 12.62
CA LYS D 56 -0.08 -0.87 11.68
C LYS D 56 -0.97 0.29 12.13
N ASP D 57 -2.18 -0.02 12.60
CA ASP D 57 -3.03 1.09 13.11
C ASP D 57 -2.41 1.81 14.30
N ARG D 58 -1.75 1.10 15.22
CA ARG D 58 -1.14 1.79 16.39
C ARG D 58 0.13 2.53 15.96
N VAL D 59 0.90 2.00 15.03
CA VAL D 59 2.10 2.71 14.54
C VAL D 59 1.68 4.01 13.81
N GLU D 60 0.62 3.95 13.01
CA GLU D 60 0.11 5.19 12.39
C GLU D 60 -0.20 6.20 13.49
N LYS D 61 -0.94 5.81 14.52
CA LYS D 61 -1.28 6.75 15.63
C LYS D 61 -0.04 7.29 16.32
N LEU D 62 0.96 6.46 16.65
CA LEU D 62 2.20 6.96 17.24
C LEU D 62 2.92 7.96 16.29
N ALA D 63 2.91 7.74 14.99
CA ALA D 63 3.56 8.69 14.08
C ALA D 63 2.85 10.04 14.12
N TYR D 64 1.49 10.03 14.19
CA TYR D 64 0.75 11.28 14.32
C TYR D 64 1.12 11.98 15.64
N ASP D 65 1.20 11.22 16.73
CA ASP D 65 1.56 11.81 18.03
C ASP D 65 2.95 12.41 18.00
N ILE D 66 3.91 11.72 17.38
CA ILE D 66 5.27 12.20 17.24
C ILE D 66 5.34 13.48 16.40
N HIS D 67 4.61 13.48 15.29
CA HIS D 67 4.68 14.62 14.35
C HIS D 67 4.14 15.87 15.02
N ARG D 68 3.11 15.68 15.84
CA ARG D 68 2.54 16.82 16.57
C ARG D 68 3.48 17.34 17.64
N THR D 69 4.11 16.48 18.43
CA THR D 69 5.03 16.93 19.48
C THR D 69 6.22 17.72 18.92
N TYR D 70 6.78 17.31 17.80
CA TYR D 70 7.94 18.06 17.25
C TYR D 70 7.65 19.00 16.11
N PHE D 71 6.37 19.31 15.83
CA PHE D 71 6.11 20.18 14.67
C PHE D 71 6.89 21.50 14.76
N GLY D 72 7.48 21.90 13.65
CA GLY D 72 8.19 23.17 13.57
C GLY D 72 9.61 23.07 14.09
N GLU D 73 10.03 21.90 14.57
CA GLU D 73 11.35 21.73 15.16
C GLU D 73 12.18 20.76 14.36
N GLU D 74 13.49 20.85 14.41
CA GLU D 74 14.40 19.90 13.80
C GLU D 74 14.43 18.64 14.69
N LEU D 75 14.17 17.48 14.11
CA LEU D 75 14.10 16.20 14.82
C LEU D 75 15.14 15.19 14.32
N HIS D 76 15.87 14.59 15.27
CA HIS D 76 16.85 13.57 15.01
C HIS D 76 16.37 12.23 15.62
N ILE D 77 16.14 11.27 14.75
CA ILE D 77 15.61 9.97 15.21
C ILE D 77 16.69 8.90 15.16
N ILE D 78 16.98 8.28 16.32
CA ILE D 78 17.97 7.22 16.43
C ILE D 78 17.35 5.85 16.40
N CYS D 79 17.84 5.02 15.49
CA CYS D 79 17.43 3.62 15.39
C CYS D 79 18.51 2.80 16.13
N ILE D 80 18.10 2.26 17.28
CA ILE D 80 18.99 1.43 18.07
C ILE D 80 19.05 0.07 17.40
N LEU D 81 20.27 -0.42 17.20
CA LEU D 81 20.45 -1.70 16.53
C LEU D 81 20.43 -2.97 17.36
N LYS D 82 19.31 -3.21 18.04
CA LYS D 82 19.04 -4.41 18.82
C LYS D 82 18.08 -5.24 17.98
N GLY D 83 18.29 -6.55 17.85
CA GLY D 83 17.38 -7.34 17.02
C GLY D 83 17.06 -6.68 15.68
N SER D 84 15.80 -6.88 15.28
CA SER D 84 15.30 -6.42 14.01
C SER D 84 15.18 -4.89 13.88
N ARG D 85 15.14 -4.44 12.63
CA ARG D 85 14.94 -3.02 12.33
C ARG D 85 13.47 -2.76 11.98
N GLY D 86 12.64 -3.78 12.04
CA GLY D 86 11.25 -3.77 11.68
C GLY D 86 10.42 -2.59 12.18
N PHE D 87 10.39 -2.39 13.51
CA PHE D 87 9.51 -1.34 14.03
C PHE D 87 9.91 0.04 13.50
N PHE D 88 11.21 0.31 13.54
CA PHE D 88 11.71 1.61 13.04
C PHE D 88 11.31 1.90 11.60
N ASN D 89 11.42 0.90 10.74
CA ASN D 89 11.10 1.10 9.31
C ASN D 89 9.62 1.50 9.13
N LEU D 90 8.73 0.82 9.81
CA LEU D 90 7.28 1.10 9.68
C LEU D 90 6.96 2.51 10.20
N LEU D 91 7.53 2.85 11.33
CA LEU D 91 7.31 4.17 11.98
C LEU D 91 7.80 5.28 11.05
N ILE D 92 8.99 5.08 10.44
CA ILE D 92 9.56 6.08 9.53
C ILE D 92 8.69 6.23 8.30
N ASP D 93 8.18 5.11 7.76
CA ASP D 93 7.30 5.21 6.58
C ASP D 93 6.11 6.13 6.85
N TYR D 94 5.43 5.97 7.99
CA TYR D 94 4.27 6.83 8.28
C TYR D 94 4.69 8.29 8.55
N LEU D 95 5.79 8.49 9.29
CA LEU D 95 6.28 9.85 9.54
C LEU D 95 6.64 10.54 8.20
N ALA D 96 7.22 9.78 7.26
CA ALA D 96 7.55 10.39 5.95
C ALA D 96 6.29 10.84 5.22
N THR D 97 5.24 9.98 5.27
CA THR D 97 4.00 10.37 4.59
C THR D 97 3.33 11.60 5.20
N ILE D 98 3.26 11.64 6.53
CA ILE D 98 2.67 12.81 7.18
C ILE D 98 3.48 14.08 6.86
N GLN D 99 4.80 13.97 6.96
CA GLN D 99 5.70 15.11 6.68
C GLN D 99 5.49 15.72 5.30
N LYS D 100 5.21 14.85 4.34
CA LYS D 100 5.02 15.19 2.93
C LYS D 100 3.83 16.13 2.81
N TYR D 101 2.84 16.06 3.70
CA TYR D 101 1.69 16.99 3.61
C TYR D 101 1.42 17.91 4.77
N SER D 102 1.59 17.46 6.00
CA SER D 102 1.30 18.30 7.16
C SER D 102 2.48 19.21 7.49
N GLY D 103 2.35 20.47 7.09
CA GLY D 103 3.43 21.44 7.34
C GLY D 103 4.34 21.60 6.14
N ARG D 104 3.95 21.05 4.99
CA ARG D 104 4.71 21.13 3.76
C ARG D 104 5.08 22.57 3.40
N GLU D 105 4.19 23.51 3.70
CA GLU D 105 4.43 24.93 3.44
C GLU D 105 5.20 25.65 4.55
N SER D 106 6.51 25.46 4.55
CA SER D 106 7.39 26.14 5.50
C SER D 106 8.84 25.75 5.30
N SER D 107 9.65 26.37 6.16
CA SER D 107 11.08 26.07 6.24
C SER D 107 11.23 25.06 7.39
N VAL D 108 10.21 24.24 7.57
CA VAL D 108 10.09 23.15 8.51
C VAL D 108 11.07 22.10 7.99
N PRO D 109 12.26 22.01 8.57
CA PRO D 109 13.29 21.07 8.16
C PRO D 109 12.87 19.64 8.41
N PRO D 110 12.97 18.77 7.40
CA PRO D 110 12.48 17.40 7.50
C PRO D 110 13.32 16.61 8.51
N PHE D 111 12.77 15.56 9.11
CA PHE D 111 13.52 14.82 10.13
C PHE D 111 14.75 14.14 9.58
N PHE D 112 15.73 13.85 10.46
CA PHE D 112 16.93 13.11 10.11
C PHE D 112 16.93 11.70 10.75
N GLU D 113 17.42 10.68 10.05
CA GLU D 113 17.51 9.32 10.58
C GLU D 113 18.94 8.94 10.94
N HIS D 114 19.17 8.23 12.02
CA HIS D 114 20.53 7.84 12.42
C HIS D 114 20.51 6.40 12.95
N TYR D 115 21.60 5.67 12.77
CA TYR D 115 21.70 4.28 13.18
C TYR D 115 22.84 4.14 14.18
N VAL D 116 22.52 3.65 15.38
CA VAL D 116 23.53 3.53 16.44
C VAL D 116 23.67 2.09 16.91
N ARG D 117 24.92 1.63 16.98
CA ARG D 117 25.21 0.29 17.50
C ARG D 117 25.66 0.32 18.97
N LEU D 118 25.34 -0.72 19.73
CA LEU D 118 25.69 -0.88 21.11
C LEU D 118 26.57 -2.10 21.38
N LYS D 119 27.46 -2.01 22.35
CA LYS D 119 28.30 -3.13 22.75
C LYS D 119 28.34 -3.18 24.28
N SER D 120 28.23 -4.36 24.86
CA SER D 120 28.27 -4.52 26.31
C SER D 120 29.69 -4.32 26.85
N TYR D 121 29.78 -3.77 28.05
CA TYR D 121 31.05 -3.46 28.70
C TYR D 121 30.95 -3.65 30.20
N GLN D 122 31.98 -4.25 30.79
CA GLN D 122 32.01 -4.46 32.24
C GLN D 122 32.89 -3.38 32.88
N ASN D 123 32.24 -2.46 33.61
CA ASN D 123 32.94 -1.34 34.22
C ASN D 123 33.95 -1.76 35.29
N ASP D 124 34.82 -0.83 35.67
CA ASP D 124 35.86 -1.06 36.68
C ASP D 124 35.39 -0.66 38.07
N ASN D 125 34.41 -1.42 38.59
CA ASN D 125 33.89 -1.15 39.93
C ASN D 125 33.77 -2.48 40.67
N SER D 126 33.49 -2.43 41.97
CA SER D 126 33.44 -3.63 42.81
C SER D 126 32.27 -4.56 42.54
N THR D 127 31.27 -4.12 41.79
CA THR D 127 30.15 -4.99 41.43
C THR D 127 30.44 -5.72 40.12
N GLY D 128 31.18 -5.13 39.19
CA GLY D 128 31.43 -5.71 37.88
C GLY D 128 30.12 -5.75 37.06
N GLN D 129 29.17 -4.85 37.32
CA GLN D 129 27.90 -4.95 36.58
C GLN D 129 28.07 -4.37 35.17
N LEU D 130 27.27 -4.94 34.29
CA LEU D 130 27.26 -4.59 32.87
C LEU D 130 26.64 -3.21 32.63
N THR D 131 27.06 -2.67 31.51
CA THR D 131 26.59 -1.38 30.99
C THR D 131 26.84 -1.40 29.49
N VAL D 132 26.53 -0.29 28.87
CA VAL D 132 26.64 -0.20 27.40
C VAL D 132 27.61 0.89 26.94
N LEU D 133 28.21 0.57 25.81
CA LEU D 133 29.13 1.43 25.06
C LEU D 133 28.52 1.70 23.68
N SER D 134 28.57 2.95 23.25
CA SER D 134 27.99 3.31 21.97
C SER D 134 28.98 3.86 20.95
N ASP D 135 28.44 4.10 19.75
CA ASP D 135 29.18 4.78 18.70
C ASP D 135 29.23 6.26 19.14
N ASP D 136 30.13 7.04 18.56
CA ASP D 136 30.23 8.46 18.93
C ASP D 136 28.91 9.20 18.77
N LEU D 137 28.51 9.93 19.81
CA LEU D 137 27.24 10.64 19.82
C LEU D 137 27.32 12.15 19.84
N SER D 138 28.51 12.71 19.65
CA SER D 138 28.71 14.17 19.67
C SER D 138 27.78 14.96 18.74
N ILE D 139 27.38 14.37 17.64
CA ILE D 139 26.52 15.08 16.67
C ILE D 139 25.13 15.38 17.26
N PHE D 140 24.81 14.75 18.39
CA PHE D 140 23.48 14.94 19.02
C PHE D 140 23.49 16.09 20.02
N ARG D 141 24.64 16.79 20.17
CA ARG D 141 24.67 17.97 21.03
C ARG D 141 23.64 19.01 20.64
N ASP D 142 22.86 19.49 21.60
CA ASP D 142 21.83 20.48 21.48
C ASP D 142 20.77 20.08 20.44
N LYS D 143 20.50 18.78 20.31
CA LYS D 143 19.45 18.39 19.33
C LYS D 143 18.23 17.79 20.04
N HIS D 144 17.09 17.81 19.37
CA HIS D 144 15.88 17.12 19.85
C HIS D 144 16.03 15.66 19.37
N VAL D 145 16.13 14.72 20.31
CA VAL D 145 16.37 13.32 19.96
C VAL D 145 15.24 12.36 20.36
N LEU D 146 14.87 11.54 19.39
CA LEU D 146 13.87 10.45 19.61
C LEU D 146 14.60 9.13 19.43
N ILE D 147 14.64 8.28 20.47
CA ILE D 147 15.30 7.00 20.42
C ILE D 147 14.28 5.88 20.17
N VAL D 148 14.49 5.08 19.13
CA VAL D 148 13.49 4.06 18.77
C VAL D 148 14.02 2.66 18.99
N GLU D 149 13.26 1.87 19.75
CA GLU D 149 13.59 0.54 20.17
C GLU D 149 12.40 -0.43 19.95
N ASP D 150 12.75 -1.61 19.46
CA ASP D 150 11.70 -2.61 19.23
C ASP D 150 10.78 -2.92 20.39
N ILE D 151 11.33 -3.19 21.58
CA ILE D 151 10.51 -3.50 22.74
C ILE D 151 11.24 -3.13 24.01
N VAL D 152 10.54 -2.76 25.06
CA VAL D 152 11.17 -2.51 26.36
C VAL D 152 10.78 -3.68 27.29
N ASP D 153 11.77 -4.39 27.79
CA ASP D 153 11.51 -5.52 28.71
C ASP D 153 12.06 -5.13 30.10
N THR D 154 13.38 -5.28 30.33
CA THR D 154 13.89 -4.85 31.65
C THR D 154 14.12 -3.35 31.71
N GLY D 155 14.40 -2.76 30.56
CA GLY D 155 14.68 -1.32 30.47
C GLY D 155 16.18 -1.03 30.62
N PHE D 156 16.99 -2.07 30.72
CA PHE D 156 18.42 -1.95 30.86
C PHE D 156 19.09 -1.31 29.65
N THR D 157 18.77 -1.81 28.45
CA THR D 157 19.37 -1.21 27.25
C THR D 157 19.17 0.30 27.15
N LEU D 158 17.94 0.78 27.36
CA LEU D 158 17.67 2.20 27.20
C LEU D 158 18.13 3.03 28.39
N THR D 159 18.27 2.36 29.55
CA THR D 159 18.77 3.12 30.72
C THR D 159 20.25 3.41 30.53
N GLU D 160 21.04 2.39 30.20
CA GLU D 160 22.48 2.50 30.02
C GLU D 160 22.81 3.40 28.84
N PHE D 161 22.06 3.25 27.74
CA PHE D 161 22.24 4.07 26.56
C PHE D 161 21.90 5.54 26.86
N GLY D 162 20.80 5.73 27.56
CA GLY D 162 20.35 7.05 27.96
C GLY D 162 21.48 7.82 28.69
N GLU D 163 22.21 7.17 29.59
CA GLU D 163 23.29 7.90 30.28
C GLU D 163 24.41 8.31 29.35
N ARG D 164 24.73 7.49 28.34
CA ARG D 164 25.75 7.86 27.36
C ARG D 164 25.35 9.09 26.54
N LEU D 165 24.06 9.17 26.19
CA LEU D 165 23.56 10.30 25.42
C LEU D 165 23.43 11.54 26.28
N LYS D 166 23.08 11.42 27.58
CA LYS D 166 23.02 12.63 28.41
C LYS D 166 24.34 13.39 28.46
N ALA D 167 25.45 12.68 28.34
CA ALA D 167 26.82 13.18 28.43
C ALA D 167 27.21 14.14 27.32
N VAL D 168 26.53 14.05 26.17
CA VAL D 168 26.79 14.99 25.09
C VAL D 168 25.85 16.20 25.13
N GLY D 169 24.96 16.31 26.11
CA GLY D 169 24.08 17.44 26.24
C GLY D 169 23.12 17.74 25.12
N PRO D 170 22.21 16.78 24.84
CA PRO D 170 21.17 17.00 23.83
C PRO D 170 20.13 17.97 24.33
N LYS D 171 19.31 18.54 23.44
CA LYS D 171 18.26 19.46 23.87
C LYS D 171 17.10 18.75 24.55
N SER D 172 16.67 17.60 23.99
CA SER D 172 15.59 16.83 24.61
C SER D 172 15.79 15.35 24.25
N MET D 173 15.21 14.43 25.06
CA MET D 173 15.36 13.00 24.81
C MET D 173 14.04 12.28 25.14
N ARG D 174 13.50 11.56 24.14
CA ARG D 174 12.28 10.79 24.31
C ARG D 174 12.48 9.40 23.68
N ILE D 175 11.57 8.47 24.04
CA ILE D 175 11.63 7.08 23.60
C ILE D 175 10.35 6.67 22.86
N ALA D 176 10.55 5.97 21.73
CA ALA D 176 9.41 5.34 21.07
C ALA D 176 9.68 3.82 21.01
N THR D 177 8.68 3.02 21.35
CA THR D 177 8.82 1.55 21.30
C THR D 177 7.45 0.94 20.96
N LEU D 178 7.47 -0.19 20.28
CA LEU D 178 6.23 -0.83 19.84
C LEU D 178 5.49 -1.49 21.02
N VAL D 179 6.24 -2.07 21.94
CA VAL D 179 5.67 -2.81 23.08
C VAL D 179 6.41 -2.56 24.38
N GLU D 180 5.69 -2.46 25.50
CA GLU D 180 6.35 -2.45 26.82
C GLU D 180 5.71 -3.59 27.65
N LYS D 181 6.58 -4.34 28.33
CA LYS D 181 6.07 -5.47 29.13
C LYS D 181 5.75 -5.07 30.56
N ARG D 182 4.67 -5.59 31.13
CA ARG D 182 4.32 -5.31 32.53
C ARG D 182 5.14 -6.28 33.38
N THR D 183 6.28 -5.86 33.89
CA THR D 183 7.13 -6.80 34.60
C THR D 183 7.88 -6.28 35.81
N ASP D 184 8.10 -7.29 36.65
CA ASP D 184 9.04 -7.36 37.76
C ASP D 184 10.24 -7.87 36.93
N ARG D 185 11.41 -7.27 36.97
CA ARG D 185 12.45 -7.72 36.03
C ARG D 185 13.61 -6.72 36.03
N SER D 188 11.09 -0.47 35.40
CA SER D 188 10.81 0.89 35.85
C SER D 188 10.81 1.92 34.71
N LEU D 189 11.78 1.84 33.81
CA LEU D 189 11.88 2.77 32.69
C LEU D 189 10.66 2.60 31.78
N LYS D 190 10.05 3.68 31.31
CA LYS D 190 8.89 3.67 30.46
C LYS D 190 9.15 4.48 29.19
N GLY D 191 8.47 4.13 28.11
CA GLY D 191 8.66 4.96 26.90
C GLY D 191 7.71 6.13 26.86
N ASP D 192 7.88 7.05 25.88
CA ASP D 192 6.99 8.20 25.74
C ASP D 192 5.93 7.98 24.66
N PHE D 193 6.28 7.25 23.61
CA PHE D 193 5.37 6.91 22.50
C PHE D 193 5.40 5.37 22.41
N VAL D 194 4.42 4.74 23.04
CA VAL D 194 4.39 3.26 23.13
C VAL D 194 3.13 2.69 22.46
N GLY D 195 3.34 1.65 21.68
CA GLY D 195 2.27 0.99 20.91
C GLY D 195 1.30 0.23 21.83
N PHE D 196 1.84 -0.74 22.55
CA PHE D 196 1.04 -1.63 23.40
C PHE D 196 1.68 -1.93 24.76
N SER D 197 0.81 -2.17 25.74
CA SER D 197 1.21 -2.70 27.05
C SER D 197 0.75 -4.17 27.13
N ILE D 198 1.66 -5.10 27.27
CA ILE D 198 1.34 -6.54 27.34
C ILE D 198 1.88 -7.18 28.60
N GLU D 199 1.35 -8.38 28.86
CA GLU D 199 1.83 -9.19 30.00
C GLU D 199 3.27 -9.61 29.77
N ASP D 200 3.90 -10.13 30.86
CA ASP D 200 5.29 -10.56 30.79
C ASP D 200 5.53 -11.89 30.12
N VAL D 201 5.61 -11.95 28.78
CA VAL D 201 5.73 -13.11 27.93
C VAL D 201 6.72 -12.79 26.79
N TRP D 202 7.33 -13.83 26.21
CA TRP D 202 8.34 -13.69 25.16
C TRP D 202 7.65 -13.79 23.79
N ILE D 203 7.77 -12.71 22.98
CA ILE D 203 7.05 -12.64 21.72
C ILE D 203 7.91 -12.74 20.46
N VAL D 204 7.25 -13.11 19.35
CA VAL D 204 7.88 -13.34 18.05
C VAL D 204 6.93 -12.88 16.91
N GLY D 205 7.54 -12.62 15.74
CA GLY D 205 6.63 -12.18 14.63
C GLY D 205 6.74 -10.67 14.41
N CYS D 206 6.50 -10.22 13.18
CA CYS D 206 6.69 -8.77 12.86
C CYS D 206 8.13 -8.42 13.12
N CYS D 207 8.44 -7.46 13.98
CA CYS D 207 9.85 -7.13 14.17
C CYS D 207 10.53 -7.97 15.22
N TYR D 208 9.95 -9.09 15.62
CA TYR D 208 10.57 -9.94 16.64
C TYR D 208 10.88 -11.31 16.03
N ASP D 209 11.89 -11.99 16.57
CA ASP D 209 12.14 -13.34 16.06
C ASP D 209 12.77 -14.24 17.14
N PHE D 210 12.97 -15.49 16.76
CA PHE D 210 13.59 -16.51 17.62
C PHE D 210 14.24 -17.52 16.69
N ASN D 211 15.58 -17.41 16.58
CA ASN D 211 16.36 -18.29 15.71
C ASN D 211 15.84 -18.39 14.27
N GLU D 212 15.42 -17.25 13.71
CA GLU D 212 14.88 -17.07 12.39
C GLU D 212 13.62 -17.87 12.09
N MET D 213 12.98 -18.53 13.10
CA MET D 213 11.83 -19.37 12.83
C MET D 213 10.59 -18.58 12.41
N PHE D 214 10.57 -17.29 12.69
CA PHE D 214 9.37 -16.48 12.38
C PHE D 214 9.70 -15.34 11.43
N ARG D 215 10.75 -15.55 10.60
CA ARG D 215 11.19 -14.47 9.71
C ARG D 215 10.19 -13.97 8.69
N ASP D 216 9.20 -14.77 8.33
CA ASP D 216 8.18 -14.35 7.37
C ASP D 216 6.81 -14.28 8.01
N PHE D 217 6.77 -14.22 9.35
CA PHE D 217 5.47 -14.12 10.06
C PHE D 217 5.16 -12.68 10.35
N ASP D 218 4.02 -12.21 9.83
CA ASP D 218 3.67 -10.81 9.90
C ASP D 218 2.67 -10.42 10.97
N HIS D 219 2.51 -11.22 12.00
CA HIS D 219 1.66 -10.98 13.14
C HIS D 219 2.50 -11.24 14.39
N VAL D 220 2.11 -10.79 15.56
CA VAL D 220 2.86 -11.06 16.77
C VAL D 220 2.20 -12.17 17.61
N ALA D 221 3.04 -13.09 18.06
CA ALA D 221 2.57 -14.19 18.93
C ALA D 221 3.54 -14.53 20.05
N VAL D 222 3.05 -15.31 21.02
CA VAL D 222 3.99 -15.76 22.09
C VAL D 222 4.76 -16.98 21.59
N LEU D 223 6.05 -17.08 21.92
CA LEU D 223 6.89 -18.22 21.56
C LEU D 223 6.34 -19.49 22.22
N SER D 224 6.04 -20.48 21.38
CA SER D 224 5.45 -21.69 21.96
C SER D 224 6.43 -22.77 22.36
N ASP D 225 5.93 -23.74 23.17
CA ASP D 225 6.81 -24.85 23.51
C ASP D 225 7.15 -25.72 22.33
N ALA D 226 6.29 -25.84 21.33
CA ALA D 226 6.56 -26.56 20.09
C ALA D 226 7.71 -25.90 19.34
N ALA D 227 7.78 -24.54 19.38
CA ALA D 227 8.91 -23.90 18.68
C ALA D 227 10.22 -24.09 19.43
N ARG D 228 10.15 -24.04 20.77
CA ARG D 228 11.35 -24.19 21.58
C ARG D 228 11.91 -25.60 21.31
N LYS D 229 11.04 -26.59 21.25
CA LYS D 229 11.41 -27.99 21.04
C LYS D 229 12.01 -28.20 19.65
N LYS D 230 11.25 -27.77 18.61
CA LYS D 230 11.68 -27.97 17.22
C LYS D 230 13.14 -27.54 17.10
N PHE D 231 13.38 -26.40 17.71
CA PHE D 231 14.68 -25.80 17.70
C PHE D 231 15.71 -26.37 18.66
N GLU D 232 15.73 -25.89 19.87
CA GLU D 232 16.62 -26.03 20.97
C GLU D 232 18.11 -26.04 20.65
P 5GP E . -15.01 11.29 -25.60
O1P 5GP E . -14.72 11.14 -27.04
O2P 5GP E . -14.11 12.31 -24.93
O3P 5GP E . -16.52 11.59 -25.33
O5' 5GP E . -14.77 9.90 -24.83
C5' 5GP E . -15.86 8.98 -24.61
C4' 5GP E . -15.44 7.74 -23.83
O4' 5GP E . -14.65 6.94 -24.76
C3' 5GP E . -14.53 7.88 -22.62
O3' 5GP E . -15.23 8.15 -21.43
C2' 5GP E . -13.93 6.49 -22.51
O2' 5GP E . -14.85 5.57 -21.90
C1' 5GP E . -13.73 6.13 -23.99
N9 5GP E . -12.38 6.30 -24.55
C8 5GP E . -11.86 7.32 -25.29
N7 5GP E . -10.63 7.16 -25.69
C5 5GP E . -10.33 5.86 -25.20
C6 5GP E . -9.13 5.13 -25.37
O6 5GP E . -8.11 5.47 -25.97
N1 5GP E . -9.23 3.87 -24.78
C2 5GP E . -10.34 3.42 -24.10
N2 5GP E . -10.21 2.16 -23.62
N3 5GP E . -11.48 4.10 -23.94
C4 5GP E . -11.40 5.33 -24.52
P 5GP F . -28.66 -7.13 3.04
O1P 5GP F . -27.38 -7.67 2.38
O2P 5GP F . -29.81 -7.38 2.16
O3P 5GP F . -28.76 -7.63 4.50
O5' 5GP F . -28.44 -5.56 3.25
C5' 5GP F . -28.44 -4.73 2.07
C4' 5GP F . -27.83 -3.35 2.38
O4' 5GP F . -28.28 -2.80 3.64
C3' 5GP F . -26.31 -3.47 2.52
O3' 5GP F . -25.66 -3.56 1.23
C2' 5GP F . -25.96 -2.18 3.27
O2' 5GP F . -25.68 -1.09 2.40
C1' 5GP F . -27.22 -1.99 4.15
N9 5GP F . -26.96 -2.35 5.56
C8 5GP F . -27.33 -3.51 6.25
N7 5GP F . -26.91 -3.51 7.49
C5 5GP F . -26.22 -2.30 7.64
C6 5GP F . -25.57 -1.75 8.76
O6 5GP F . -25.47 -2.21 9.90
N1 5GP F . -25.00 -0.49 8.47
C2 5GP F . -25.06 0.13 7.24
N2 5GP F . -24.47 1.35 7.14
N3 5GP F . -25.71 -0.37 6.18
C4 5GP F . -26.23 -1.59 6.45
P 5GP G . 31.83 0.94 -6.18
O1P 5GP G . 32.66 1.98 -6.81
O2P 5GP G . 31.14 0.08 -7.20
O3P 5GP G . 32.58 0.05 -5.13
O5' 5GP G . 30.68 1.69 -5.30
C5' 5GP G . 30.74 1.77 -3.87
C4' 5GP G . 29.65 2.64 -3.23
O4' 5GP G . 29.69 4.01 -3.83
C3' 5GP G . 28.24 2.22 -3.48
O3' 5GP G . 27.75 1.08 -2.76
C2' 5GP G . 27.44 3.50 -3.16
O2' 5GP G . 27.11 3.63 -1.77
C1' 5GP G . 28.40 4.61 -3.64
N9 5GP G . 28.04 5.19 -4.95
C8 5GP G . 28.52 4.87 -6.20
N7 5GP G . 28.01 5.58 -7.18
C5 5GP G . 27.08 6.41 -6.52
C6 5GP G . 26.21 7.40 -7.05
O6 5GP G . 26.09 7.74 -8.24
N1 5GP G . 25.43 8.02 -6.05
C2 5GP G . 25.52 7.70 -4.70
N2 5GP G . 24.71 8.39 -3.90
N3 5GP G . 26.36 6.78 -4.21
C4 5GP G . 27.07 6.16 -5.18
P 5GP H . 15.69 -4.80 27.73
O1P 5GP H . 15.56 -5.96 28.65
O2P 5GP H . 14.66 -3.76 27.98
O3P 5GP H . 17.11 -4.16 27.78
O5' 5GP H . 15.52 -5.30 26.20
C5' 5GP H . 16.65 -5.81 25.48
C4' 5GP H . 16.30 -6.40 24.10
O4' 5GP H . 15.82 -7.76 24.33
C3' 5GP H . 15.26 -5.77 23.22
O3' 5GP H . 15.76 -4.66 22.48
C2' 5GP H . 14.84 -6.92 22.32
O2' 5GP H . 15.58 -7.04 21.12
C1' 5GP H . 14.99 -8.17 23.24
N9 5GP H . 13.67 -8.63 23.75
C8 5GP H . 13.02 -8.32 24.92
N7 5GP H . 11.85 -8.89 25.05
C5 5GP H . 11.71 -9.62 23.87
C6 5GP H . 10.65 -10.48 23.46
O6 5GP H . 9.63 -10.65 24.11
N1 5GP H . 10.86 -11.05 22.20
C2 5GP H . 12.02 -10.85 21.45
N2 5GP H . 12.04 -11.52 20.30
N3 5GP H . 13.02 -10.05 21.85
C4 5GP H . 12.82 -9.48 23.07
#